data_1MKI
#
_entry.id   1MKI
#
_cell.length_a   71.332
_cell.length_b   181.482
_cell.length_c   51.488
_cell.angle_alpha   90.00
_cell.angle_beta   90.00
_cell.angle_gamma   90.00
#
_symmetry.space_group_name_H-M   'P 21 21 2'
#
loop_
_entity.id
_entity.type
_entity.pdbx_description
1 polymer 'Probable Glutaminase ybgJ'
2 non-polymer 1,2-ETHANEDIOL
3 non-polymer 'FORMIC ACID'
4 water water
#
_entity_poly.entity_id   1
_entity_poly.type   'polypeptide(L)'
_entity_poly.pdbx_seq_one_letter_code
;SNA(MSE)KELIKEHQKDINPALQLHDWVEYYRPFAANGQSANYIPALGKVNDSQLGICVLEPDGT(MSE)IHAGDWNVS
FT(MSE)Q(SEP)ISKVISFIAAC(MSE)SRGIPYVLDRVDVEPTGDAFNSIIRLEINKPGKPFNP(MSE)INAGALTIA
SILPGESAYEKLEFLYSV(MSE)ETLIGKRPRIHEEVFRSEWETAHRNRALAYYLKETNFLEAEVEETLEVYLKQCA
(MSE)ESTTEDIALIGLILAHDGYHPIRHEQVIPKDVAKLAKAL(MSE)LTCG(MSE)YNASGKYAAFVGVPAKSGVSGG
I(MSE)ALVPPSARREQPFQSGCGIGIYGPAIDEYGNSLTGG(MSE)LLKH(MSE)AQEWELSIF
;
_entity_poly.pdbx_strand_id   A,B
#
loop_
_chem_comp.id
_chem_comp.type
_chem_comp.name
_chem_comp.formula
EDO non-polymer 1,2-ETHANEDIOL 'C2 H6 O2'
FMT non-polymer 'FORMIC ACID' 'C H2 O2'
#
# COMPACT_ATOMS: atom_id res chain seq x y z
N ALA A 3 -25.33 -25.51 7.15
CA ALA A 3 -24.58 -25.07 8.36
C ALA A 3 -23.47 -24.09 7.98
N MSE A 4 -22.47 -24.58 7.26
CA MSE A 4 -21.34 -23.74 6.86
C MSE A 4 -21.64 -22.72 5.77
O MSE A 4 -20.86 -21.79 5.57
CB MSE A 4 -20.18 -24.61 6.40
CG MSE A 4 -19.62 -25.50 7.49
SE MSE A 4 -17.96 -26.30 6.94
CE MSE A 4 -16.75 -25.09 7.83
N LYS A 5 -22.76 -22.89 5.07
CA LYS A 5 -23.14 -21.95 4.01
C LYS A 5 -24.60 -21.54 4.17
N GLU A 6 -24.85 -20.23 4.12
CA GLU A 6 -26.21 -19.71 4.28
C GLU A 6 -26.30 -18.23 3.89
N LEU A 7 -27.51 -17.72 3.81
CA LEU A 7 -27.75 -16.31 3.46
C LEU A 7 -27.94 -15.49 4.73
N ILE A 8 -28.04 -14.18 4.58
CA ILE A 8 -28.25 -13.30 5.74
C ILE A 8 -29.26 -12.20 5.43
N ASN A 16 -17.02 -26.12 -2.31
CA ASN A 16 -15.58 -26.25 -2.12
C ASN A 16 -15.10 -25.29 -1.04
N PRO A 17 -15.32 -23.98 -1.24
CA PRO A 17 -14.88 -22.96 -0.29
C PRO A 17 -15.15 -23.27 1.17
N ALA A 18 -16.39 -23.66 1.46
CA ALA A 18 -16.76 -24.00 2.83
C ALA A 18 -15.89 -25.14 3.37
N LEU A 19 -15.76 -26.19 2.57
CA LEU A 19 -14.97 -27.35 2.98
C LEU A 19 -13.49 -26.98 3.13
N GLN A 20 -12.97 -26.21 2.17
CA GLN A 20 -11.58 -25.79 2.24
C GLN A 20 -11.36 -24.99 3.52
N LEU A 21 -12.26 -24.04 3.79
CA LEU A 21 -12.14 -23.22 5.00
C LEU A 21 -12.16 -24.11 6.23
N HIS A 22 -13.01 -25.13 6.22
CA HIS A 22 -13.07 -26.03 7.36
C HIS A 22 -11.67 -26.62 7.57
N ASP A 23 -11.13 -27.21 6.51
CA ASP A 23 -9.82 -27.84 6.59
C ASP A 23 -8.68 -26.88 6.95
N TRP A 24 -8.74 -25.65 6.42
CA TRP A 24 -7.68 -24.69 6.72
C TRP A 24 -7.70 -24.23 8.17
N VAL A 25 -8.89 -23.99 8.72
CA VAL A 25 -9.00 -23.58 10.10
C VAL A 25 -8.38 -24.68 10.97
N GLU A 26 -8.74 -25.93 10.69
CA GLU A 26 -8.20 -27.04 11.46
C GLU A 26 -6.68 -27.11 11.33
N TYR A 27 -6.15 -26.85 10.13
CA TYR A 27 -4.71 -26.91 9.92
C TYR A 27 -3.94 -25.80 10.64
N TYR A 28 -4.46 -24.58 10.56
CA TYR A 28 -3.75 -23.45 11.17
C TYR A 28 -3.93 -23.23 12.67
N ARG A 29 -5.07 -23.65 13.21
CA ARG A 29 -5.36 -23.48 14.63
C ARG A 29 -4.15 -23.73 15.56
N PRO A 30 -3.47 -24.88 15.40
CA PRO A 30 -2.30 -25.21 16.24
C PRO A 30 -1.19 -24.16 16.31
N PHE A 31 -0.98 -23.42 15.23
CA PHE A 31 0.08 -22.41 15.22
C PHE A 31 -0.08 -21.33 16.28
N ALA A 32 -1.23 -21.29 16.95
CA ALA A 32 -1.48 -20.29 17.98
C ALA A 32 -0.41 -20.34 19.08
N ALA A 33 0.19 -21.51 19.29
CA ALA A 33 1.22 -21.65 20.31
C ALA A 33 2.39 -20.69 20.08
N ASN A 34 2.54 -20.23 18.84
CA ASN A 34 3.63 -19.32 18.49
C ASN A 34 3.29 -17.86 18.78
N GLY A 35 2.05 -17.59 19.15
CA GLY A 35 1.64 -16.22 19.44
C GLY A 35 1.14 -16.03 20.86
N GLN A 36 0.67 -14.82 21.14
CA GLN A 36 0.15 -14.48 22.47
C GLN A 36 -1.10 -13.60 22.35
N SER A 37 -1.86 -13.51 23.43
CA SER A 37 -3.06 -12.69 23.45
C SER A 37 -2.75 -11.31 24.04
N ALA A 38 -1.59 -11.21 24.69
CA ALA A 38 -1.14 -9.96 25.30
C ALA A 38 -2.16 -9.42 26.29
N ASN A 48 -8.67 -17.80 25.55
CA ASN A 48 -8.29 -19.01 24.84
C ASN A 48 -7.61 -18.66 23.52
N ASP A 49 -6.29 -18.82 23.49
CA ASP A 49 -5.47 -18.51 22.31
C ASP A 49 -5.69 -19.39 21.09
N SER A 50 -6.19 -20.61 21.28
CA SER A 50 -6.38 -21.53 20.18
C SER A 50 -7.60 -21.29 19.29
N GLN A 51 -8.48 -20.38 19.67
CA GLN A 51 -9.67 -20.14 18.85
C GLN A 51 -9.26 -19.62 17.47
N LEU A 52 -10.01 -20.02 16.45
CA LEU A 52 -9.76 -19.60 15.08
C LEU A 52 -11.11 -19.68 14.35
N GLY A 53 -11.58 -18.55 13.84
CA GLY A 53 -12.84 -18.55 13.14
C GLY A 53 -12.81 -17.65 11.93
N ILE A 54 -13.70 -17.91 10.98
CA ILE A 54 -13.75 -17.11 9.77
C ILE A 54 -15.13 -17.09 9.14
N CYS A 55 -15.44 -15.97 8.50
CA CYS A 55 -16.71 -15.81 7.81
C CYS A 55 -16.42 -15.03 6.53
N VAL A 56 -16.95 -15.52 5.41
CA VAL A 56 -16.79 -14.86 4.12
C VAL A 56 -18.20 -14.56 3.59
N LEU A 57 -18.43 -13.30 3.20
CA LEU A 57 -19.73 -12.90 2.71
C LEU A 57 -19.69 -12.32 1.29
N GLU A 58 -20.65 -12.74 0.47
CA GLU A 58 -20.74 -12.28 -0.92
C GLU A 58 -21.93 -11.33 -1.10
N PRO A 59 -21.92 -10.53 -2.19
CA PRO A 59 -22.97 -9.56 -2.50
C PRO A 59 -24.39 -10.10 -2.48
N ASP A 60 -24.57 -11.36 -2.83
CA ASP A 60 -25.91 -11.96 -2.86
C ASP A 60 -26.34 -12.56 -1.52
N GLY A 61 -25.63 -12.20 -0.45
CA GLY A 61 -25.98 -12.72 0.86
C GLY A 61 -25.39 -14.07 1.17
N THR A 62 -24.79 -14.72 0.17
CA THR A 62 -24.17 -16.01 0.37
C THR A 62 -23.08 -15.87 1.43
N MSE A 63 -23.12 -16.73 2.43
CA MSE A 63 -22.16 -16.70 3.52
C MSE A 63 -21.59 -18.07 3.87
O MSE A 63 -22.33 -19.04 3.97
CB MSE A 63 -22.82 -16.09 4.76
CG MSE A 63 -22.00 -16.11 6.01
SE MSE A 63 -23.01 -15.42 7.51
CE MSE A 63 -23.76 -17.07 8.16
N ILE A 64 -20.27 -18.14 4.04
CA ILE A 64 -19.61 -19.40 4.40
C ILE A 64 -18.75 -19.11 5.63
N HIS A 65 -18.69 -20.06 6.54
CA HIS A 65 -17.91 -19.88 7.75
C HIS A 65 -17.36 -21.18 8.30
N ALA A 66 -16.39 -21.06 9.20
CA ALA A 66 -15.75 -22.21 9.81
C ALA A 66 -15.19 -21.81 11.17
N GLY A 67 -14.96 -22.80 12.02
CA GLY A 67 -14.40 -22.52 13.32
C GLY A 67 -15.22 -21.65 14.24
N ASP A 68 -14.53 -20.86 15.07
CA ASP A 68 -15.17 -19.99 16.03
C ASP A 68 -15.61 -18.68 15.39
N TRP A 69 -16.45 -18.81 14.36
CA TRP A 69 -16.95 -17.68 13.59
C TRP A 69 -18.07 -16.92 14.29
N ASN A 70 -18.75 -17.57 15.23
CA ASN A 70 -19.86 -16.94 15.91
C ASN A 70 -19.55 -16.52 17.35
N VAL A 71 -18.26 -16.51 17.69
CA VAL A 71 -17.86 -16.11 19.04
C VAL A 71 -17.66 -14.59 19.05
N SER A 72 -18.26 -13.93 20.02
CA SER A 72 -18.16 -12.48 20.13
C SER A 72 -16.80 -12.04 20.68
N PHE A 73 -16.24 -10.98 20.11
CA PHE A 73 -14.96 -10.42 20.56
C PHE A 73 -15.00 -8.91 20.37
N THR A 74 -14.11 -8.19 21.06
CA THR A 74 -14.09 -6.74 20.92
C THR A 74 -13.35 -6.37 19.64
N MSE A 75 -13.88 -5.38 18.91
CA MSE A 75 -13.25 -4.99 17.65
C MSE A 75 -11.86 -4.41 17.80
O MSE A 75 -11.02 -4.60 16.92
CB MSE A 75 -14.13 -3.97 16.94
CG MSE A 75 -15.44 -4.53 16.42
SE MSE A 75 -16.46 -3.14 15.60
CE MSE A 75 -15.71 -3.22 13.82
N GLN A 76 -11.62 -3.73 18.91
CA GLN A 76 -10.35 -3.07 19.15
C GLN A 76 -10.03 -2.19 17.94
N SEP A 77 -8.81 -2.27 17.42
CA SEP A 77 -8.42 -1.41 16.29
CB SEP A 77 -6.95 -1.64 15.93
OG SEP A 77 -6.14 -1.03 16.90
C SEP A 77 -9.26 -1.46 15.02
O SEP A 77 -9.21 -0.53 14.22
P SEP A 77 -5.27 -1.97 17.69
O1P SEP A 77 -4.23 -2.69 16.74
O2P SEP A 77 -4.34 -1.15 18.70
O3P SEP A 77 -6.10 -2.99 18.44
N ILE A 78 -9.99 -2.54 14.81
CA ILE A 78 -10.83 -2.61 13.62
C ILE A 78 -11.81 -1.44 13.69
N SER A 79 -12.16 -1.03 14.91
CA SER A 79 -13.10 0.09 15.10
C SER A 79 -12.54 1.38 14.49
N LYS A 80 -11.22 1.44 14.33
CA LYS A 80 -10.58 2.63 13.77
C LYS A 80 -11.01 2.92 12.35
N VAL A 81 -11.35 1.88 11.59
CA VAL A 81 -11.80 2.04 10.23
C VAL A 81 -13.17 2.71 10.24
N ILE A 82 -14.01 2.30 11.18
CA ILE A 82 -15.35 2.86 11.29
C ILE A 82 -15.31 4.31 11.78
N SER A 83 -14.52 4.59 12.80
CA SER A 83 -14.43 5.95 13.32
C SER A 83 -13.85 6.88 12.25
N PHE A 84 -12.85 6.41 11.51
CA PHE A 84 -12.25 7.21 10.45
C PHE A 84 -13.30 7.56 9.40
N ILE A 85 -14.13 6.56 9.06
CA ILE A 85 -15.20 6.76 8.08
C ILE A 85 -16.23 7.74 8.64
N ALA A 86 -16.62 7.56 9.89
CA ALA A 86 -17.59 8.44 10.53
C ALA A 86 -17.08 9.89 10.53
N ALA A 87 -15.82 10.07 10.92
CA ALA A 87 -15.23 11.40 10.96
C ALA A 87 -15.25 12.05 9.58
N CYS A 88 -14.90 11.28 8.56
CA CYS A 88 -14.89 11.77 7.19
C CYS A 88 -16.28 12.16 6.72
N MSE A 89 -17.28 11.35 7.07
CA MSE A 89 -18.66 11.62 6.69
C MSE A 89 -19.20 12.88 7.36
O MSE A 89 -19.93 13.65 6.75
CB MSE A 89 -19.54 10.43 7.06
CG MSE A 89 -19.40 9.25 6.12
SE MSE A 89 -20.27 7.66 6.78
CE MSE A 89 -22.13 8.19 6.57
N SER A 90 -18.81 13.09 8.62
CA SER A 90 -19.27 14.24 9.37
C SER A 90 -18.54 15.54 9.06
N ARG A 91 -17.22 15.47 9.03
CA ARG A 91 -16.37 16.63 8.81
C ARG A 91 -15.92 16.84 7.37
N GLY A 92 -15.94 15.77 6.59
CA GLY A 92 -15.47 15.86 5.22
C GLY A 92 -14.01 15.48 5.22
N ILE A 93 -13.54 14.86 4.13
CA ILE A 93 -12.16 14.42 4.02
C ILE A 93 -11.11 15.52 4.21
N PRO A 94 -11.33 16.72 3.64
CA PRO A 94 -10.34 17.78 3.81
C PRO A 94 -10.06 18.16 5.27
N TYR A 95 -11.14 18.25 6.06
CA TYR A 95 -11.00 18.60 7.46
C TYR A 95 -10.20 17.52 8.21
N VAL A 96 -10.53 16.26 7.94
CA VAL A 96 -9.83 15.17 8.58
C VAL A 96 -8.35 15.20 8.20
N LEU A 97 -8.06 15.35 6.91
CA LEU A 97 -6.68 15.39 6.44
C LEU A 97 -5.81 16.46 7.08
N ASP A 98 -6.43 17.53 7.57
CA ASP A 98 -5.67 18.60 8.22
C ASP A 98 -5.21 18.19 9.61
N ARG A 99 -5.81 17.13 10.16
CA ARG A 99 -5.48 16.66 11.49
C ARG A 99 -4.68 15.36 11.51
N VAL A 100 -4.79 14.59 10.43
CA VAL A 100 -4.06 13.32 10.35
C VAL A 100 -3.70 13.07 8.88
N ASP A 101 -2.52 12.50 8.65
CA ASP A 101 -2.08 12.22 7.29
C ASP A 101 -2.49 10.77 6.95
N VAL A 102 -1.99 10.25 5.84
CA VAL A 102 -2.35 8.88 5.43
C VAL A 102 -1.10 8.10 5.06
N GLU A 103 -0.01 8.34 5.79
CA GLU A 103 1.26 7.70 5.51
C GLU A 103 1.69 6.62 6.51
N PRO A 104 2.31 5.53 6.02
CA PRO A 104 2.77 4.46 6.90
C PRO A 104 3.92 5.04 7.71
N THR A 105 4.09 4.59 8.95
CA THR A 105 5.15 5.10 9.82
C THR A 105 6.40 4.22 9.86
N GLY A 106 6.22 2.92 9.65
CA GLY A 106 7.33 2.00 9.72
C GLY A 106 7.56 1.65 11.18
N ASP A 107 6.69 2.18 12.03
CA ASP A 107 6.78 1.97 13.48
C ASP A 107 5.59 1.18 14.03
N ALA A 108 5.68 0.79 15.29
CA ALA A 108 4.63 0.04 15.97
C ALA A 108 3.33 0.86 16.05
N PHE A 109 2.19 0.17 16.10
CA PHE A 109 0.90 0.84 16.16
C PHE A 109 0.78 1.83 17.33
N ASN A 110 1.46 1.57 18.44
CA ASN A 110 1.37 2.48 19.58
C ASN A 110 2.61 3.33 19.81
N SER A 111 3.38 3.52 18.73
CA SER A 111 4.62 4.31 18.81
C SER A 111 4.31 5.80 18.96
N ILE A 112 5.10 6.48 19.81
CA ILE A 112 4.93 7.91 20.08
C ILE A 112 6.00 8.79 19.41
N ILE A 113 7.12 8.16 19.07
CA ILE A 113 8.26 8.83 18.45
C ILE A 113 7.99 9.98 17.47
N ARG A 114 7.30 9.68 16.38
CA ARG A 114 7.04 10.69 15.36
C ARG A 114 6.23 11.90 15.80
N LEU A 115 5.48 11.77 16.90
CA LEU A 115 4.69 12.89 17.40
C LEU A 115 5.60 14.01 17.87
N GLU A 116 6.83 13.64 18.25
CA GLU A 116 7.82 14.60 18.72
C GLU A 116 8.84 14.93 17.62
N ILE A 117 9.29 13.91 16.90
CA ILE A 117 10.29 14.09 15.86
C ILE A 117 9.82 14.78 14.58
N ASN A 118 8.63 14.42 14.10
CA ASN A 118 8.09 15.03 12.89
C ASN A 118 7.23 16.25 13.19
N LYS A 119 7.89 17.40 13.35
CA LYS A 119 7.19 18.66 13.65
C LYS A 119 6.31 19.04 12.47
N PRO A 120 5.14 19.67 12.72
CA PRO A 120 4.52 20.08 13.98
C PRO A 120 4.09 18.92 14.87
N GLY A 121 4.08 17.71 14.33
CA GLY A 121 3.69 16.56 15.12
C GLY A 121 2.36 15.94 14.70
N LYS A 122 1.94 16.19 13.47
CA LYS A 122 0.68 15.63 12.99
C LYS A 122 0.79 14.09 12.90
N PRO A 123 -0.17 13.38 13.50
CA PRO A 123 -0.10 11.91 13.43
C PRO A 123 -0.06 11.44 11.98
N PHE A 124 0.82 10.48 11.70
CA PHE A 124 1.00 9.97 10.34
C PHE A 124 -0.21 9.36 9.62
N ASN A 125 -1.05 8.62 10.33
CA ASN A 125 -2.21 8.02 9.71
C ASN A 125 -3.25 7.67 10.78
N PRO A 126 -4.51 7.47 10.38
CA PRO A 126 -5.58 7.15 11.33
C PRO A 126 -5.66 5.69 11.79
N MSE A 127 -4.77 4.84 11.28
CA MSE A 127 -4.79 3.43 11.67
C MSE A 127 -3.95 3.18 12.92
O MSE A 127 -4.27 2.29 13.71
CB MSE A 127 -4.32 2.55 10.51
CG MSE A 127 -5.22 2.63 9.27
SE MSE A 127 -7.10 2.10 9.54
CE MSE A 127 -7.88 3.86 9.84
N ILE A 128 -2.88 3.95 13.11
CA ILE A 128 -2.05 3.81 14.30
C ILE A 128 -2.80 4.48 15.46
N ASN A 129 -2.48 4.11 16.68
CA ASN A 129 -3.16 4.67 17.85
C ASN A 129 -3.22 6.20 17.88
N ALA A 130 -2.09 6.84 17.62
CA ALA A 130 -2.02 8.29 17.65
C ALA A 130 -3.07 8.90 16.72
N GLY A 131 -3.08 8.46 15.46
CA GLY A 131 -4.04 8.98 14.51
C GLY A 131 -5.48 8.66 14.88
N ALA A 132 -5.71 7.46 15.43
CA ALA A 132 -7.05 7.05 15.83
C ALA A 132 -7.57 7.92 16.97
N LEU A 133 -6.66 8.37 17.84
CA LEU A 133 -7.05 9.21 18.95
C LEU A 133 -7.50 10.57 18.38
N THR A 134 -6.75 11.09 17.41
CA THR A 134 -7.12 12.36 16.79
C THR A 134 -8.49 12.22 16.12
N ILE A 135 -8.70 11.10 15.44
CA ILE A 135 -9.99 10.84 14.78
C ILE A 135 -11.13 10.87 15.80
N ALA A 136 -10.94 10.15 16.91
CA ALA A 136 -11.96 10.11 17.96
C ALA A 136 -12.25 11.53 18.46
N SER A 137 -11.21 12.36 18.60
CA SER A 137 -11.38 13.72 19.07
C SER A 137 -12.09 14.66 18.09
N ILE A 138 -12.17 14.26 16.82
CA ILE A 138 -12.84 15.12 15.84
C ILE A 138 -14.25 14.64 15.46
N LEU A 139 -14.70 13.54 16.05
CA LEU A 139 -16.04 13.07 15.79
C LEU A 139 -16.96 14.16 16.32
N PRO A 140 -18.11 14.38 15.67
CA PRO A 140 -19.06 15.42 16.10
C PRO A 140 -19.69 15.14 17.47
N GLY A 141 -19.79 16.17 18.29
CA GLY A 141 -20.39 16.01 19.60
C GLY A 141 -19.69 16.87 20.64
N GLU A 142 -20.45 17.30 21.65
CA GLU A 142 -19.88 18.14 22.69
C GLU A 142 -19.30 17.35 23.85
N SER A 143 -19.50 16.03 23.83
CA SER A 143 -18.97 15.18 24.89
C SER A 143 -18.72 13.79 24.36
N ALA A 144 -18.14 12.93 25.19
CA ALA A 144 -17.88 11.57 24.77
C ALA A 144 -19.17 10.89 24.37
N TYR A 145 -20.23 11.14 25.13
CA TYR A 145 -21.53 10.52 24.85
C TYR A 145 -22.06 10.83 23.45
N GLU A 146 -22.03 12.11 23.05
CA GLU A 146 -22.53 12.48 21.72
C GLU A 146 -21.65 11.91 20.61
N LYS A 147 -20.34 11.99 20.81
CA LYS A 147 -19.42 11.48 19.79
C LYS A 147 -19.72 9.99 19.58
N LEU A 148 -19.83 9.25 20.66
CA LEU A 148 -20.12 7.82 20.58
C LEU A 148 -21.48 7.54 19.94
N GLU A 149 -22.49 8.31 20.29
CA GLU A 149 -23.81 8.10 19.71
C GLU A 149 -23.72 8.24 18.19
N PHE A 150 -22.93 9.19 17.72
CA PHE A 150 -22.78 9.39 16.28
C PHE A 150 -22.10 8.15 15.67
N LEU A 151 -21.04 7.69 16.32
CA LEU A 151 -20.32 6.51 15.86
C LEU A 151 -21.24 5.29 15.82
N TYR A 152 -22.05 5.12 16.86
CA TYR A 152 -22.96 3.99 16.93
C TYR A 152 -24.02 4.05 15.83
N SER A 153 -24.42 5.27 15.46
CA SER A 153 -25.44 5.43 14.43
C SER A 153 -24.86 5.01 13.09
N VAL A 154 -23.58 5.31 12.87
CA VAL A 154 -22.94 4.91 11.63
C VAL A 154 -22.81 3.39 11.66
N MSE A 155 -22.37 2.87 12.80
CA MSE A 155 -22.20 1.44 12.95
C MSE A 155 -23.53 0.73 12.68
O MSE A 155 -23.57 -0.30 12.00
CB MSE A 155 -21.70 1.13 14.36
CG MSE A 155 -21.18 -0.29 14.55
SE MSE A 155 -19.58 -0.71 13.53
CE MSE A 155 -18.26 0.11 14.66
N GLU A 156 -24.62 1.30 13.18
CA GLU A 156 -25.93 0.71 12.98
C GLU A 156 -26.33 0.61 11.51
N THR A 157 -26.02 1.62 10.72
CA THR A 157 -26.37 1.60 9.31
C THR A 157 -25.55 0.54 8.57
N LEU A 158 -24.44 0.13 9.18
CA LEU A 158 -23.59 -0.89 8.56
C LEU A 158 -24.02 -2.31 8.90
N ILE A 159 -24.06 -2.64 10.19
CA ILE A 159 -24.44 -3.99 10.58
C ILE A 159 -25.91 -4.15 11.01
N GLY A 160 -26.69 -3.10 10.83
CA GLY A 160 -28.11 -3.15 11.16
C GLY A 160 -28.52 -3.26 12.61
N LYS A 161 -27.66 -2.81 13.52
CA LYS A 161 -27.99 -2.86 14.94
C LYS A 161 -27.03 -2.01 15.73
N ARG A 162 -27.49 -1.54 16.88
CA ARG A 162 -26.67 -0.72 17.77
C ARG A 162 -25.63 -1.66 18.38
N PRO A 163 -24.34 -1.31 18.25
CA PRO A 163 -23.26 -2.14 18.79
C PRO A 163 -23.35 -2.28 20.31
N ARG A 164 -22.96 -3.44 20.83
CA ARG A 164 -22.96 -3.69 22.25
C ARG A 164 -21.55 -3.50 22.78
N ILE A 165 -21.41 -2.79 23.91
CA ILE A 165 -20.10 -2.54 24.49
C ILE A 165 -19.74 -3.57 25.56
N HIS A 166 -18.55 -4.16 25.45
CA HIS A 166 -18.11 -5.12 26.46
C HIS A 166 -17.53 -4.31 27.61
N GLU A 167 -18.39 -3.93 28.54
CA GLU A 167 -18.00 -3.11 29.68
C GLU A 167 -16.85 -3.63 30.52
N GLU A 168 -16.75 -4.95 30.68
CA GLU A 168 -15.67 -5.52 31.47
C GLU A 168 -14.33 -5.15 30.81
N VAL A 169 -14.25 -5.33 29.51
CA VAL A 169 -13.03 -5.02 28.79
C VAL A 169 -12.75 -3.51 28.84
N PHE A 170 -13.77 -2.69 28.62
CA PHE A 170 -13.58 -1.25 28.67
C PHE A 170 -12.94 -0.82 29.99
N ARG A 171 -13.54 -1.26 31.10
CA ARG A 171 -13.02 -0.92 32.42
C ARG A 171 -11.58 -1.37 32.57
N SER A 172 -11.28 -2.55 32.03
CA SER A 172 -9.93 -3.10 32.10
C SER A 172 -8.97 -2.20 31.33
N GLU A 173 -9.30 -1.88 30.08
CA GLU A 173 -8.43 -1.03 29.28
C GLU A 173 -8.36 0.39 29.87
N TRP A 174 -9.46 0.88 30.41
CA TRP A 174 -9.48 2.23 30.98
C TRP A 174 -8.48 2.44 32.12
N GLU A 175 -8.25 1.41 32.92
CA GLU A 175 -7.33 1.53 34.04
C GLU A 175 -5.87 1.36 33.68
N THR A 176 -5.61 0.62 32.59
CA THR A 176 -4.24 0.35 32.17
C THR A 176 -3.80 1.00 30.86
N ALA A 177 -4.56 1.99 30.39
CA ALA A 177 -4.23 2.65 29.12
C ALA A 177 -3.18 3.76 29.23
N HIS A 178 -2.10 3.47 29.95
CA HIS A 178 -1.03 4.46 30.16
C HIS A 178 -0.41 4.91 28.85
N ARG A 179 -0.03 3.96 28.01
CA ARG A 179 0.56 4.23 26.71
C ARG A 179 -0.35 5.13 25.86
N ASN A 180 -1.62 4.75 25.77
CA ASN A 180 -2.56 5.54 24.97
C ASN A 180 -2.77 6.93 25.55
N ARG A 181 -2.70 7.06 26.88
CA ARG A 181 -2.86 8.37 27.50
C ARG A 181 -1.65 9.23 27.16
N ALA A 182 -0.47 8.63 27.12
CA ALA A 182 0.74 9.36 26.77
C ALA A 182 0.55 9.96 25.37
N LEU A 183 0.12 9.12 24.43
CA LEU A 183 -0.11 9.56 23.06
C LEU A 183 -1.11 10.71 23.04
N ALA A 184 -2.24 10.52 23.73
CA ALA A 184 -3.29 11.53 23.77
C ALA A 184 -2.81 12.86 24.35
N TYR A 185 -2.05 12.81 25.44
CA TYR A 185 -1.55 14.05 26.02
C TYR A 185 -0.53 14.72 25.11
N TYR A 186 0.29 13.93 24.42
CA TYR A 186 1.28 14.53 23.51
C TYR A 186 0.53 15.21 22.37
N LEU A 187 -0.51 14.55 21.88
CA LEU A 187 -1.34 15.08 20.80
C LEU A 187 -2.00 16.39 21.27
N LYS A 188 -2.40 16.43 22.54
CA LYS A 188 -3.02 17.62 23.09
C LYS A 188 -1.99 18.75 23.09
N GLU A 189 -0.79 18.41 23.52
CA GLU A 189 0.33 19.35 23.58
C GLU A 189 0.57 20.03 22.23
N THR A 190 0.56 19.24 21.16
CA THR A 190 0.82 19.79 19.83
C THR A 190 -0.41 20.23 19.05
N ASN A 191 -1.55 20.32 19.73
CA ASN A 191 -2.80 20.75 19.12
C ASN A 191 -3.42 19.85 18.07
N PHE A 192 -3.22 18.55 18.19
CA PHE A 192 -3.82 17.65 17.22
C PHE A 192 -4.97 16.83 17.80
N LEU A 193 -5.61 17.39 18.82
CA LEU A 193 -6.78 16.79 19.45
C LEU A 193 -7.83 17.88 19.47
N GLU A 194 -9.02 17.59 18.96
CA GLU A 194 -10.11 18.58 18.93
C GLU A 194 -11.05 18.36 20.11
N ALA A 195 -10.52 17.81 21.19
CA ALA A 195 -11.32 17.54 22.37
C ALA A 195 -10.40 17.35 23.56
N GLU A 196 -10.99 17.26 24.75
CA GLU A 196 -10.21 17.05 25.96
C GLU A 196 -9.68 15.62 25.95
N VAL A 197 -8.54 15.42 26.59
CA VAL A 197 -7.89 14.11 26.63
C VAL A 197 -8.73 12.97 27.20
N GLU A 198 -9.29 13.16 28.40
CA GLU A 198 -10.08 12.10 29.01
C GLU A 198 -11.33 11.80 28.18
N GLU A 199 -11.91 12.83 27.57
CA GLU A 199 -13.08 12.66 26.72
C GLU A 199 -12.67 11.81 25.50
N THR A 200 -11.52 12.14 24.92
CA THR A 200 -11.04 11.41 23.75
C THR A 200 -10.74 9.96 24.11
N LEU A 201 -10.09 9.75 25.25
CA LEU A 201 -9.78 8.40 25.69
C LEU A 201 -11.04 7.58 25.85
N GLU A 202 -12.07 8.19 26.43
CA GLU A 202 -13.33 7.49 26.63
C GLU A 202 -13.91 7.01 25.31
N VAL A 203 -13.97 7.90 24.33
CA VAL A 203 -14.50 7.56 23.01
C VAL A 203 -13.66 6.46 22.37
N TYR A 204 -12.34 6.65 22.41
CA TYR A 204 -11.41 5.70 21.81
C TYR A 204 -11.51 4.31 22.43
N LEU A 205 -11.49 4.24 23.75
CA LEU A 205 -11.55 2.95 24.43
C LEU A 205 -12.93 2.30 24.30
N LYS A 206 -13.97 3.12 24.23
CA LYS A 206 -15.33 2.59 24.07
C LYS A 206 -15.49 1.96 22.68
N GLN A 207 -15.01 2.63 21.64
CA GLN A 207 -15.14 2.08 20.30
C GLN A 207 -14.36 0.78 20.19
N CYS A 208 -13.20 0.71 20.84
CA CYS A 208 -12.37 -0.50 20.83
C CYS A 208 -13.11 -1.64 21.52
N ALA A 209 -14.00 -1.27 22.45
CA ALA A 209 -14.75 -2.25 23.21
C ALA A 209 -16.06 -2.69 22.55
N MSE A 210 -16.38 -2.17 21.37
CA MSE A 210 -17.59 -2.59 20.67
C MSE A 210 -17.45 -4.06 20.29
O MSE A 210 -16.41 -4.47 19.78
CB MSE A 210 -17.84 -1.75 19.42
CG MSE A 210 -18.14 -0.29 19.72
SE MSE A 210 -18.65 0.71 18.15
CE MSE A 210 -16.90 0.87 17.33
N GLU A 211 -18.49 -4.84 20.55
CA GLU A 211 -18.46 -6.26 20.26
C GLU A 211 -18.84 -6.63 18.83
N SER A 212 -18.33 -7.76 18.37
CA SER A 212 -18.58 -8.22 17.02
C SER A 212 -18.18 -9.69 16.86
N THR A 213 -18.70 -10.34 15.83
CA THR A 213 -18.32 -11.71 15.51
C THR A 213 -17.68 -11.56 14.13
N THR A 214 -17.20 -12.65 13.54
CA THR A 214 -16.59 -12.56 12.22
C THR A 214 -17.61 -12.14 11.19
N GLU A 215 -18.88 -12.42 11.47
CA GLU A 215 -19.95 -12.09 10.54
C GLU A 215 -20.16 -10.58 10.39
N ASP A 216 -20.10 -9.85 11.49
CA ASP A 216 -20.30 -8.40 11.46
C ASP A 216 -19.21 -7.68 10.68
N ILE A 217 -17.95 -8.03 10.95
CA ILE A 217 -16.87 -7.38 10.24
C ILE A 217 -16.79 -7.86 8.81
N ALA A 218 -17.31 -9.05 8.53
CA ALA A 218 -17.32 -9.53 7.15
C ALA A 218 -18.32 -8.66 6.38
N LEU A 219 -19.41 -8.29 7.04
CA LEU A 219 -20.43 -7.44 6.40
C LEU A 219 -19.86 -6.04 6.15
N ILE A 220 -19.15 -5.49 7.12
CA ILE A 220 -18.56 -4.17 6.93
C ILE A 220 -17.56 -4.28 5.78
N GLY A 221 -16.82 -5.39 5.76
CA GLY A 221 -15.86 -5.61 4.70
C GLY A 221 -16.52 -5.65 3.34
N LEU A 222 -17.67 -6.32 3.25
CA LEU A 222 -18.38 -6.43 1.99
C LEU A 222 -18.83 -5.06 1.50
N ILE A 223 -19.32 -4.24 2.42
CA ILE A 223 -19.78 -2.90 2.08
C ILE A 223 -18.64 -2.07 1.50
N LEU A 224 -17.48 -2.13 2.15
CA LEU A 224 -16.32 -1.38 1.68
C LEU A 224 -15.87 -1.91 0.32
N ALA A 225 -15.91 -3.23 0.15
CA ALA A 225 -15.50 -3.83 -1.10
C ALA A 225 -16.33 -3.25 -2.24
N HIS A 226 -17.60 -2.97 -1.95
CA HIS A 226 -18.50 -2.41 -2.94
C HIS A 226 -18.61 -0.88 -2.85
N ASP A 227 -17.50 -0.27 -2.49
CA ASP A 227 -17.39 1.18 -2.36
C ASP A 227 -18.50 1.89 -1.59
N GLY A 228 -18.92 1.31 -0.47
CA GLY A 228 -19.94 1.98 0.34
C GLY A 228 -21.38 1.59 0.11
N TYR A 229 -21.61 0.80 -0.93
CA TYR A 229 -22.95 0.34 -1.24
C TYR A 229 -23.23 -0.91 -0.42
N HIS A 230 -24.34 -0.90 0.32
CA HIS A 230 -24.72 -2.03 1.14
C HIS A 230 -25.49 -2.98 0.20
N PRO A 231 -24.88 -4.11 -0.18
CA PRO A 231 -25.48 -5.10 -1.07
C PRO A 231 -26.72 -5.84 -0.55
N ILE A 232 -26.91 -5.87 0.76
CA ILE A 232 -28.07 -6.55 1.33
C ILE A 232 -29.26 -5.59 1.43
N ARG A 233 -28.99 -4.33 1.78
CA ARG A 233 -30.05 -3.34 1.91
C ARG A 233 -30.21 -2.51 0.64
N HIS A 234 -29.28 -2.67 -0.30
CA HIS A 234 -29.32 -1.94 -1.56
C HIS A 234 -29.37 -0.43 -1.36
N GLU A 235 -28.37 0.09 -0.66
CA GLU A 235 -28.31 1.50 -0.39
C GLU A 235 -26.86 1.95 -0.15
N GLN A 236 -26.55 3.16 -0.60
CA GLN A 236 -25.22 3.74 -0.44
C GLN A 236 -25.15 4.27 0.99
N VAL A 237 -24.51 3.51 1.88
CA VAL A 237 -24.42 3.90 3.28
C VAL A 237 -23.16 4.67 3.64
N ILE A 238 -22.14 4.59 2.79
CA ILE A 238 -20.88 5.31 2.99
C ILE A 238 -20.55 5.97 1.66
N PRO A 239 -20.16 7.26 1.69
CA PRO A 239 -19.83 7.89 0.41
C PRO A 239 -18.70 7.11 -0.26
N LYS A 240 -18.82 6.86 -1.55
CA LYS A 240 -17.82 6.11 -2.30
C LYS A 240 -16.38 6.58 -2.07
N ASP A 241 -16.14 7.89 -2.18
CA ASP A 241 -14.79 8.41 -2.00
C ASP A 241 -14.27 8.12 -0.59
N VAL A 242 -15.17 8.06 0.39
CA VAL A 242 -14.75 7.77 1.76
C VAL A 242 -14.48 6.26 1.90
N ALA A 243 -15.32 5.46 1.27
CA ALA A 243 -15.15 4.01 1.32
C ALA A 243 -13.82 3.64 0.65
N LYS A 244 -13.52 4.32 -0.45
CA LYS A 244 -12.29 4.10 -1.21
C LYS A 244 -11.08 4.47 -0.34
N LEU A 245 -11.18 5.59 0.35
CA LEU A 245 -10.10 6.06 1.21
C LEU A 245 -9.82 5.07 2.34
N ALA A 246 -10.89 4.52 2.92
CA ALA A 246 -10.74 3.54 4.00
C ALA A 246 -9.98 2.31 3.50
N LYS A 247 -10.36 1.83 2.32
CA LYS A 247 -9.69 0.66 1.76
C LYS A 247 -8.21 0.93 1.52
N ALA A 248 -7.89 2.12 1.03
CA ALA A 248 -6.50 2.46 0.78
C ALA A 248 -5.68 2.44 2.08
N LEU A 249 -6.23 3.02 3.14
CA LEU A 249 -5.54 3.07 4.43
C LEU A 249 -5.37 1.68 5.05
N MSE A 250 -6.34 0.81 4.80
CA MSE A 250 -6.24 -0.55 5.33
C MSE A 250 -5.05 -1.25 4.69
O MSE A 250 -4.27 -1.92 5.36
CB MSE A 250 -7.54 -1.32 5.05
CG MSE A 250 -8.68 -0.94 5.98
SE MSE A 250 -10.40 -1.68 5.43
CE MSE A 250 -10.01 -3.58 5.71
N LEU A 251 -4.90 -1.05 3.38
CA LEU A 251 -3.81 -1.68 2.63
C LEU A 251 -2.45 -1.15 3.01
N THR A 252 -2.32 0.17 3.14
CA THR A 252 -1.04 0.79 3.49
C THR A 252 -0.70 0.81 4.98
N CYS A 253 -1.71 0.95 5.84
CA CYS A 253 -1.43 1.03 7.27
C CYS A 253 -2.24 0.08 8.16
N GLY A 254 -3.20 -0.62 7.58
CA GLY A 254 -4.06 -1.50 8.36
C GLY A 254 -3.39 -2.57 9.21
N MSE A 255 -2.22 -3.02 8.79
CA MSE A 255 -1.52 -4.05 9.55
C MSE A 255 -0.23 -3.44 10.12
O MSE A 255 0.71 -4.15 10.45
CB MSE A 255 -1.21 -5.25 8.66
CG MSE A 255 -2.43 -5.83 7.97
SE MSE A 255 -3.86 -6.41 9.18
CE MSE A 255 -3.23 -8.20 9.58
N TYR A 256 -0.21 -2.11 10.22
CA TYR A 256 0.94 -1.39 10.78
C TYR A 256 2.26 -1.71 10.09
N ASN A 257 3.31 -1.95 10.87
CA ASN A 257 4.60 -2.25 10.26
C ASN A 257 4.74 -3.67 9.69
N ALA A 258 3.59 -4.28 9.39
CA ALA A 258 3.57 -5.59 8.75
C ALA A 258 2.73 -5.42 7.48
N SER A 259 2.27 -4.19 7.25
CA SER A 259 1.44 -3.91 6.07
C SER A 259 2.15 -4.24 4.77
N GLY A 260 3.43 -3.90 4.67
CA GLY A 260 4.19 -4.20 3.46
C GLY A 260 4.19 -5.69 3.15
N LYS A 261 4.45 -6.51 4.17
CA LYS A 261 4.45 -7.96 3.97
C LYS A 261 3.07 -8.46 3.55
N TYR A 262 2.02 -7.91 4.15
CA TYR A 262 0.67 -8.32 3.81
C TYR A 262 0.33 -7.96 2.36
N ALA A 263 0.74 -6.78 1.94
CA ALA A 263 0.47 -6.35 0.56
C ALA A 263 1.23 -7.25 -0.42
N ALA A 264 2.48 -7.58 -0.06
CA ALA A 264 3.31 -8.41 -0.92
C ALA A 264 2.92 -9.89 -0.97
N PHE A 265 2.52 -10.45 0.17
CA PHE A 265 2.21 -11.87 0.21
C PHE A 265 0.75 -12.28 0.41
N VAL A 266 -0.13 -11.30 0.52
CA VAL A 266 -1.56 -11.55 0.68
C VAL A 266 -2.26 -10.69 -0.40
N GLY A 267 -2.02 -9.38 -0.36
CA GLY A 267 -2.57 -8.50 -1.37
C GLY A 267 -4.03 -8.12 -1.30
N VAL A 268 -4.56 -8.13 -0.08
CA VAL A 268 -5.96 -7.79 0.16
C VAL A 268 -6.02 -6.73 1.26
N PRO A 269 -6.85 -5.70 1.10
CA PRO A 269 -6.92 -4.70 2.16
C PRO A 269 -7.37 -5.37 3.45
N ALA A 270 -6.63 -5.17 4.54
CA ALA A 270 -6.98 -5.79 5.80
C ALA A 270 -6.73 -4.90 7.00
N LYS A 271 -7.47 -5.17 8.09
CA LYS A 271 -7.33 -4.43 9.33
C LYS A 271 -7.41 -5.38 10.52
N SER A 272 -6.45 -5.24 11.43
CA SER A 272 -6.38 -6.08 12.61
C SER A 272 -6.82 -5.36 13.89
N GLY A 273 -7.01 -6.17 14.94
CA GLY A 273 -7.36 -5.67 16.27
C GLY A 273 -6.54 -6.54 17.20
N VAL A 274 -5.90 -5.97 18.24
CA VAL A 274 -5.08 -6.81 19.12
C VAL A 274 -5.85 -7.91 19.84
N SER A 275 -7.18 -7.89 19.74
CA SER A 275 -7.99 -8.92 20.38
C SER A 275 -8.03 -10.15 19.48
N GLY A 276 -7.39 -10.07 18.31
CA GLY A 276 -7.34 -11.20 17.41
C GLY A 276 -8.21 -11.15 16.17
N GLY A 277 -8.93 -10.06 15.97
CA GLY A 277 -9.78 -9.99 14.79
C GLY A 277 -9.08 -9.42 13.57
N ILE A 278 -9.55 -9.80 12.39
CA ILE A 278 -9.03 -9.26 11.15
C ILE A 278 -10.18 -9.09 10.17
N MSE A 279 -10.33 -7.87 9.68
CA MSE A 279 -11.36 -7.58 8.69
C MSE A 279 -10.63 -7.36 7.37
O MSE A 279 -9.69 -6.56 7.29
CB MSE A 279 -12.15 -6.33 9.06
CG MSE A 279 -13.12 -5.89 7.97
SE MSE A 279 -14.19 -4.35 8.46
CE MSE A 279 -12.77 -3.02 8.46
N ALA A 280 -11.05 -8.08 6.34
CA ALA A 280 -10.42 -7.96 5.03
C ALA A 280 -11.53 -7.88 4.00
N LEU A 281 -11.17 -7.62 2.75
CA LEU A 281 -12.17 -7.49 1.72
C LEU A 281 -11.52 -7.68 0.35
N VAL A 282 -12.33 -8.06 -0.63
CA VAL A 282 -11.82 -8.26 -1.98
C VAL A 282 -12.76 -7.57 -2.94
N PRO A 283 -12.27 -6.55 -3.66
CA PRO A 283 -13.13 -5.85 -4.62
C PRO A 283 -13.53 -6.80 -5.74
N PRO A 284 -14.57 -6.43 -6.52
CA PRO A 284 -15.05 -7.26 -7.63
C PRO A 284 -13.95 -7.61 -8.64
N SER A 285 -14.07 -8.79 -9.24
CA SER A 285 -13.12 -9.30 -10.24
C SER A 285 -11.74 -9.62 -9.69
N ALA A 286 -11.33 -8.90 -8.65
CA ALA A 286 -10.03 -9.11 -8.03
C ALA A 286 -10.06 -10.34 -7.12
N ARG A 287 -10.95 -11.28 -7.46
CA ARG A 287 -11.15 -12.50 -6.69
C ARG A 287 -10.86 -13.77 -7.49
N ARG A 288 -10.50 -13.63 -8.76
CA ARG A 288 -10.26 -14.78 -9.62
C ARG A 288 -11.61 -15.29 -10.10
N GLU A 289 -11.84 -15.19 -11.40
CA GLU A 289 -13.09 -15.61 -12.04
C GLU A 289 -13.92 -16.66 -11.32
N GLN A 290 -13.28 -17.66 -10.75
CA GLN A 290 -14.00 -18.73 -10.07
C GLN A 290 -14.58 -18.40 -8.69
N PRO A 291 -13.74 -18.31 -7.65
CA PRO A 291 -14.34 -18.00 -6.35
C PRO A 291 -14.49 -16.52 -6.03
N PHE A 292 -15.68 -16.16 -5.57
CA PHE A 292 -16.02 -14.80 -5.18
C PHE A 292 -15.73 -13.74 -6.25
N GLN A 293 -16.15 -14.02 -7.47
CA GLN A 293 -15.95 -13.10 -8.59
C GLN A 293 -16.54 -11.70 -8.30
N SER A 294 -17.69 -11.67 -7.64
CA SER A 294 -18.34 -10.41 -7.31
C SER A 294 -17.74 -9.73 -6.07
N GLY A 295 -16.63 -10.28 -5.58
CA GLY A 295 -16.00 -9.71 -4.41
C GLY A 295 -16.59 -10.27 -3.13
N CYS A 296 -16.03 -9.88 -1.99
CA CYS A 296 -16.53 -10.36 -0.71
C CYS A 296 -15.98 -9.58 0.48
N GLY A 297 -16.59 -9.81 1.63
CA GLY A 297 -16.16 -9.21 2.87
C GLY A 297 -15.60 -10.37 3.66
N ILE A 298 -14.55 -10.15 4.44
CA ILE A 298 -13.94 -11.23 5.22
C ILE A 298 -13.81 -10.89 6.69
N GLY A 299 -14.22 -11.82 7.54
CA GLY A 299 -14.11 -11.63 8.98
C GLY A 299 -13.34 -12.82 9.54
N ILE A 300 -12.26 -12.55 10.27
CA ILE A 300 -11.41 -13.59 10.86
C ILE A 300 -11.17 -13.33 12.34
N TYR A 301 -11.08 -14.39 13.13
CA TYR A 301 -10.85 -14.26 14.56
C TYR A 301 -9.82 -15.27 15.07
N GLY A 302 -8.70 -14.75 15.57
CA GLY A 302 -7.63 -15.59 16.11
C GLY A 302 -6.89 -14.86 17.21
N PRO A 303 -7.36 -14.96 18.47
CA PRO A 303 -6.81 -14.34 19.67
C PRO A 303 -5.29 -14.27 19.83
N ALA A 304 -4.56 -15.27 19.35
CA ALA A 304 -3.11 -15.25 19.47
C ALA A 304 -2.53 -14.28 18.45
N ILE A 305 -1.86 -13.23 18.91
CA ILE A 305 -1.29 -12.24 18.00
C ILE A 305 0.24 -12.24 18.01
N ASP A 306 0.82 -11.74 16.91
CA ASP A 306 2.26 -11.68 16.76
C ASP A 306 2.84 -10.38 17.32
N GLU A 307 4.13 -10.16 17.08
CA GLU A 307 4.83 -8.98 17.59
C GLU A 307 4.29 -7.66 17.04
N TYR A 308 3.64 -7.71 15.88
CA TYR A 308 3.09 -6.49 15.28
C TYR A 308 1.70 -6.19 15.82
N GLY A 309 1.12 -7.16 16.52
CA GLY A 309 -0.22 -6.97 17.06
C GLY A 309 -1.29 -7.59 16.19
N ASN A 310 -0.86 -8.28 15.13
CA ASN A 310 -1.75 -8.92 14.19
C ASN A 310 -1.96 -10.40 14.52
N SER A 311 -3.18 -10.90 14.33
CA SER A 311 -3.51 -12.29 14.59
C SER A 311 -2.55 -13.21 13.86
N LEU A 312 -1.88 -14.07 14.60
CA LEU A 312 -0.92 -15.01 14.00
C LEU A 312 -1.61 -16.08 13.14
N THR A 313 -2.53 -16.83 13.73
CA THR A 313 -3.23 -17.86 12.98
C THR A 313 -4.23 -17.25 12.01
N GLY A 314 -4.80 -16.11 12.36
CA GLY A 314 -5.76 -15.46 11.48
C GLY A 314 -5.04 -14.93 10.24
N GLY A 315 -3.82 -14.45 10.45
CA GLY A 315 -3.04 -13.94 9.33
C GLY A 315 -2.62 -15.06 8.40
N MSE A 316 -2.25 -16.20 8.98
CA MSE A 316 -1.82 -17.34 8.18
C MSE A 316 -3.00 -17.85 7.36
O MSE A 316 -2.85 -18.22 6.20
CB MSE A 316 -1.29 -18.46 9.08
CG MSE A 316 -0.02 -18.11 9.85
SE MSE A 316 0.63 -19.59 10.94
CE MSE A 316 1.79 -20.45 9.64
N LEU A 317 -4.18 -17.87 7.98
CA LEU A 317 -5.38 -18.35 7.31
C LEU A 317 -5.71 -17.42 6.13
N LEU A 318 -5.63 -16.12 6.37
CA LEU A 318 -5.91 -15.17 5.30
C LEU A 318 -4.94 -15.35 4.16
N LYS A 319 -3.65 -15.46 4.48
CA LYS A 319 -2.65 -15.63 3.44
C LYS A 319 -2.95 -16.84 2.58
N HIS A 320 -3.29 -17.95 3.24
CA HIS A 320 -3.61 -19.18 2.51
C HIS A 320 -4.77 -18.98 1.54
N MSE A 321 -5.82 -18.33 2.02
CA MSE A 321 -7.00 -18.06 1.20
C MSE A 321 -6.63 -17.23 -0.02
O MSE A 321 -7.03 -17.53 -1.13
CB MSE A 321 -8.05 -17.28 1.98
CG MSE A 321 -8.64 -17.95 3.19
SE MSE A 321 -9.71 -16.67 4.18
CE MSE A 321 -10.99 -16.25 2.79
N ALA A 322 -5.89 -16.15 0.23
CA ALA A 322 -5.48 -15.24 -0.83
C ALA A 322 -4.62 -15.94 -1.87
N GLN A 323 -3.67 -16.74 -1.41
CA GLN A 323 -2.79 -17.46 -2.33
C GLN A 323 -3.59 -18.47 -3.13
N GLU A 324 -4.32 -19.33 -2.43
CA GLU A 324 -5.11 -20.38 -3.05
C GLU A 324 -6.18 -19.87 -4.03
N TRP A 325 -6.94 -18.87 -3.64
CA TRP A 325 -7.98 -18.35 -4.52
C TRP A 325 -7.58 -17.13 -5.34
N GLU A 326 -6.29 -16.77 -5.29
CA GLU A 326 -5.78 -15.62 -6.04
C GLU A 326 -6.61 -14.36 -5.77
N LEU A 327 -6.57 -13.88 -4.54
CA LEU A 327 -7.34 -12.71 -4.15
C LEU A 327 -6.58 -11.40 -4.28
N SER A 328 -5.26 -11.49 -4.36
CA SER A 328 -4.43 -10.28 -4.45
C SER A 328 -4.97 -9.29 -5.48
N ILE A 329 -4.99 -8.00 -5.12
CA ILE A 329 -5.45 -6.98 -6.04
C ILE A 329 -4.31 -6.52 -6.94
N PHE A 330 -3.12 -7.09 -6.73
CA PHE A 330 -1.96 -6.71 -7.54
C PHE A 330 -1.80 -7.64 -8.73
N ALA B 3 0.27 12.51 -34.78
CA ALA B 3 -0.65 11.43 -34.29
C ALA B 3 -0.38 11.15 -32.81
N MSE B 4 -1.38 11.42 -31.97
CA MSE B 4 -1.26 11.19 -30.54
C MSE B 4 -1.54 9.73 -30.19
O MSE B 4 -1.19 9.27 -29.11
CB MSE B 4 -2.24 12.07 -29.77
CG MSE B 4 -2.04 13.55 -29.96
SE MSE B 4 -3.21 14.53 -28.78
CE MSE B 4 -1.96 14.82 -27.33
N LYS B 5 -2.17 9.02 -31.12
CA LYS B 5 -2.52 7.62 -30.92
C LYS B 5 -1.97 6.74 -32.04
N GLU B 6 -1.30 5.67 -31.68
CA GLU B 6 -0.72 4.75 -32.66
C GLU B 6 -0.38 3.41 -32.01
N LEU B 7 0.57 2.69 -32.60
CA LEU B 7 1.00 1.40 -32.07
C LEU B 7 2.51 1.37 -31.87
N ILE B 8 2.98 0.42 -31.06
CA ILE B 8 4.41 0.27 -30.78
C ILE B 8 5.15 -0.29 -32.00
N ASN B 16 -11.30 10.55 -27.20
CA ASN B 16 -11.23 11.56 -26.15
C ASN B 16 -10.02 11.43 -25.23
N PRO B 17 -9.54 10.20 -24.95
CA PRO B 17 -8.38 10.06 -24.07
C PRO B 17 -7.18 10.89 -24.52
N ALA B 18 -6.87 10.81 -25.81
CA ALA B 18 -5.74 11.56 -26.36
C ALA B 18 -5.97 13.06 -26.20
N LEU B 19 -7.17 13.51 -26.51
CA LEU B 19 -7.50 14.93 -26.41
C LEU B 19 -7.46 15.38 -24.95
N GLN B 20 -7.96 14.52 -24.07
CA GLN B 20 -7.96 14.85 -22.64
C GLN B 20 -6.52 14.98 -22.15
N LEU B 21 -5.66 14.02 -22.50
CA LEU B 21 -4.27 14.08 -22.08
C LEU B 21 -3.60 15.34 -22.63
N HIS B 22 -3.92 15.69 -23.88
CA HIS B 22 -3.36 16.91 -24.45
C HIS B 22 -3.73 18.07 -23.54
N ASP B 23 -5.02 18.18 -23.25
CA ASP B 23 -5.52 19.25 -22.39
C ASP B 23 -4.93 19.27 -21.00
N TRP B 24 -4.84 18.10 -20.37
CA TRP B 24 -4.30 18.06 -19.01
C TRP B 24 -2.82 18.37 -18.93
N VAL B 25 -2.05 17.94 -19.93
CA VAL B 25 -0.62 18.24 -19.93
C VAL B 25 -0.42 19.77 -19.98
N GLU B 26 -1.17 20.43 -20.87
CA GLU B 26 -1.02 21.87 -20.96
C GLU B 26 -1.52 22.56 -19.70
N TYR B 27 -2.51 21.97 -19.04
CA TYR B 27 -3.03 22.54 -17.82
C TYR B 27 -2.05 22.45 -16.65
N TYR B 28 -1.48 21.26 -16.44
CA TYR B 28 -0.56 21.03 -15.33
C TYR B 28 0.88 21.48 -15.55
N ARG B 29 1.30 21.62 -16.79
CA ARG B 29 2.66 22.04 -17.09
C ARG B 29 3.15 23.24 -16.25
N PRO B 30 2.34 24.32 -16.17
CA PRO B 30 2.71 25.52 -15.41
C PRO B 30 3.07 25.31 -13.93
N PHE B 31 2.49 24.28 -13.30
CA PHE B 31 2.76 24.03 -11.89
C PHE B 31 4.20 23.65 -11.57
N ALA B 32 5.01 23.44 -12.59
CA ALA B 32 6.40 23.07 -12.36
C ALA B 32 7.15 24.14 -11.54
N ALA B 33 6.65 25.38 -11.59
CA ALA B 33 7.29 26.46 -10.86
C ALA B 33 7.33 26.21 -9.35
N ASN B 34 6.47 25.32 -8.87
CA ASN B 34 6.43 24.99 -7.44
C ASN B 34 7.39 23.88 -7.04
N GLY B 35 8.15 23.38 -8.01
CA GLY B 35 9.10 22.33 -7.73
C GLY B 35 10.46 22.67 -8.34
N GLN B 36 11.39 21.73 -8.27
CA GLN B 36 12.71 21.94 -8.84
C GLN B 36 13.33 20.62 -9.28
N SER B 37 14.31 20.70 -10.19
CA SER B 37 14.96 19.50 -10.70
C SER B 37 16.14 19.06 -9.81
N ALA B 38 17.05 19.99 -9.53
CA ALA B 38 18.23 19.70 -8.71
C ALA B 38 18.87 18.37 -9.08
N ASN B 48 13.58 23.36 -19.50
CA ASN B 48 13.39 21.92 -19.40
C ASN B 48 12.66 21.55 -18.10
N ASP B 49 12.81 22.41 -17.10
CA ASP B 49 12.19 22.20 -15.80
C ASP B 49 10.67 22.15 -15.95
N SER B 50 10.17 22.74 -17.03
CA SER B 50 8.74 22.77 -17.30
C SER B 50 8.26 21.67 -18.24
N GLN B 51 9.16 20.79 -18.65
CA GLN B 51 8.74 19.71 -19.54
C GLN B 51 7.70 18.84 -18.85
N LEU B 52 6.81 18.24 -19.64
CA LEU B 52 5.75 17.39 -19.12
C LEU B 52 5.31 16.48 -20.26
N GLY B 53 5.50 15.18 -20.09
CA GLY B 53 5.12 14.24 -21.12
C GLY B 53 4.45 13.01 -20.55
N ILE B 54 3.67 12.32 -21.39
CA ILE B 54 2.97 11.12 -20.95
C ILE B 54 2.68 10.17 -22.11
N CYS B 55 2.70 8.88 -21.80
CA CYS B 55 2.41 7.85 -22.78
C CYS B 55 1.63 6.74 -22.08
N VAL B 56 0.53 6.31 -22.69
CA VAL B 56 -0.29 5.24 -22.13
C VAL B 56 -0.29 4.13 -23.17
N LEU B 57 0.04 2.91 -22.74
CA LEU B 57 0.09 1.78 -23.64
C LEU B 57 -0.92 0.69 -23.27
N GLU B 58 -1.69 0.24 -24.27
CA GLU B 58 -2.69 -0.79 -24.05
C GLU B 58 -2.19 -2.13 -24.59
N PRO B 59 -2.77 -3.25 -24.11
CA PRO B 59 -2.43 -4.61 -24.51
C PRO B 59 -2.43 -4.85 -26.02
N ASP B 60 -3.33 -4.18 -26.73
CA ASP B 60 -3.45 -4.33 -28.18
C ASP B 60 -2.40 -3.50 -28.92
N GLY B 61 -1.39 -3.04 -28.18
CA GLY B 61 -0.33 -2.25 -28.79
C GLY B 61 -0.67 -0.80 -29.04
N THR B 62 -1.91 -0.42 -28.76
CA THR B 62 -2.34 0.96 -28.97
C THR B 62 -1.73 1.87 -27.90
N MSE B 63 -1.13 2.97 -28.34
CA MSE B 63 -0.54 3.90 -27.40
C MSE B 63 -1.01 5.32 -27.68
O MSE B 63 -1.30 5.68 -28.82
CB MSE B 63 0.99 3.84 -27.46
CG MSE B 63 1.63 4.67 -28.54
SE MSE B 63 3.56 4.74 -28.33
CE MSE B 63 4.06 3.76 -29.92
N ILE B 64 -1.11 6.11 -26.61
CA ILE B 64 -1.53 7.49 -26.70
C ILE B 64 -0.49 8.32 -25.97
N HIS B 65 -0.18 9.50 -26.50
CA HIS B 65 0.81 10.34 -25.86
C HIS B 65 0.58 11.83 -26.05
N ALA B 66 1.15 12.62 -25.15
CA ALA B 66 1.01 14.06 -25.20
C ALA B 66 2.24 14.71 -24.58
N GLY B 67 2.48 15.97 -24.95
CA GLY B 67 3.61 16.69 -24.40
C GLY B 67 4.97 16.13 -24.78
N ASP B 68 5.90 16.23 -23.85
CA ASP B 68 7.27 15.77 -24.03
C ASP B 68 7.41 14.27 -23.75
N TRP B 69 6.59 13.49 -24.45
CA TRP B 69 6.56 12.04 -24.28
C TRP B 69 7.73 11.32 -24.94
N ASN B 70 8.39 11.99 -25.87
CA ASN B 70 9.49 11.36 -26.59
C ASN B 70 10.87 11.92 -26.25
N VAL B 71 10.98 12.53 -25.07
CA VAL B 71 12.25 13.09 -24.63
C VAL B 71 12.99 12.07 -23.77
N SER B 72 14.25 11.82 -24.10
CA SER B 72 15.04 10.86 -23.36
C SER B 72 15.46 11.42 -22.00
N PHE B 73 15.34 10.61 -20.96
CA PHE B 73 15.73 11.01 -19.60
C PHE B 73 16.26 9.78 -18.88
N THR B 74 17.02 9.99 -17.80
CA THR B 74 17.57 8.85 -17.06
C THR B 74 16.48 8.28 -16.16
N MSE B 75 16.44 6.96 -16.07
CA MSE B 75 15.42 6.30 -15.26
C MSE B 75 15.55 6.57 -13.77
O MSE B 75 14.55 6.68 -13.06
CB MSE B 75 15.46 4.80 -15.50
CG MSE B 75 15.08 4.38 -16.91
SE MSE B 75 15.05 2.45 -17.09
CE MSE B 75 13.26 2.15 -16.41
N GLN B 76 16.80 6.71 -13.31
CA GLN B 76 17.07 6.91 -11.89
C GLN B 76 16.38 5.80 -11.11
N SEP B 77 15.69 6.14 -10.02
CA SEP B 77 15.02 5.14 -9.19
CB SEP B 77 14.30 5.81 -8.02
OG SEP B 77 15.24 6.21 -7.05
C SEP B 77 14.05 4.18 -9.86
O SEP B 77 13.78 3.11 -9.33
P SEP B 77 15.29 7.68 -6.81
O1P SEP B 77 16.53 8.06 -5.88
O2P SEP B 77 15.60 8.48 -8.17
O3P SEP B 77 13.99 8.16 -6.22
N ILE B 78 13.50 4.57 -11.01
CA ILE B 78 12.58 3.66 -11.68
C ILE B 78 13.35 2.38 -11.99
N SER B 79 14.64 2.52 -12.27
CA SER B 79 15.48 1.38 -12.57
C SER B 79 15.45 0.35 -11.44
N LYS B 80 15.15 0.81 -10.22
CA LYS B 80 15.09 -0.08 -9.05
C LYS B 80 14.07 -1.21 -9.17
N VAL B 81 12.98 -0.96 -9.89
CA VAL B 81 11.95 -1.98 -10.06
C VAL B 81 12.56 -3.10 -10.92
N ILE B 82 13.25 -2.69 -11.98
CA ILE B 82 13.89 -3.64 -12.88
C ILE B 82 15.00 -4.46 -12.20
N SER B 83 15.86 -3.79 -11.43
CA SER B 83 16.95 -4.52 -10.77
C SER B 83 16.38 -5.47 -9.73
N PHE B 84 15.33 -5.03 -9.05
CA PHE B 84 14.68 -5.87 -8.05
C PHE B 84 14.14 -7.13 -8.76
N ILE B 85 13.48 -6.92 -9.90
CA ILE B 85 12.94 -8.04 -10.66
C ILE B 85 14.06 -8.94 -11.15
N ALA B 86 15.12 -8.34 -11.69
CA ALA B 86 16.26 -9.11 -12.18
C ALA B 86 16.86 -9.95 -11.07
N ALA B 87 16.98 -9.37 -9.87
CA ALA B 87 17.54 -10.08 -8.73
C ALA B 87 16.67 -11.27 -8.32
N CYS B 88 15.35 -11.10 -8.39
CA CYS B 88 14.42 -12.16 -8.04
C CYS B 88 14.47 -13.28 -9.07
N MSE B 89 14.60 -12.91 -10.33
CA MSE B 89 14.66 -13.90 -11.40
C MSE B 89 15.94 -14.74 -11.31
O MSE B 89 15.92 -15.95 -11.51
CB MSE B 89 14.59 -13.21 -12.76
CG MSE B 89 13.22 -12.66 -13.08
SE MSE B 89 13.20 -11.56 -14.67
CE MSE B 89 13.32 -12.96 -16.01
N SER B 90 17.04 -14.07 -10.98
CA SER B 90 18.32 -14.74 -10.86
C SER B 90 18.50 -15.55 -9.58
N ARG B 91 18.25 -14.89 -8.45
CA ARG B 91 18.41 -15.49 -7.13
C ARG B 91 17.18 -16.18 -6.56
N GLY B 92 16.00 -15.82 -7.05
CA GLY B 92 14.78 -16.37 -6.51
C GLY B 92 14.33 -15.44 -5.40
N ILE B 93 13.02 -15.31 -5.21
CA ILE B 93 12.49 -14.42 -4.18
C ILE B 93 12.98 -14.69 -2.75
N PRO B 94 12.99 -15.97 -2.33
CA PRO B 94 13.46 -16.29 -0.97
C PRO B 94 14.84 -15.71 -0.65
N TYR B 95 15.78 -15.84 -1.57
CA TYR B 95 17.13 -15.33 -1.37
C TYR B 95 17.10 -13.80 -1.20
N VAL B 96 16.36 -13.12 -2.06
CA VAL B 96 16.27 -11.67 -1.99
C VAL B 96 15.65 -11.23 -0.67
N LEU B 97 14.52 -11.82 -0.29
CA LEU B 97 13.85 -11.47 0.95
C LEU B 97 14.71 -11.64 2.18
N ASP B 98 15.79 -12.40 2.06
CA ASP B 98 16.69 -12.59 3.18
C ASP B 98 17.64 -11.42 3.29
N ARG B 99 17.75 -10.64 2.21
CA ARG B 99 18.65 -9.48 2.20
C ARG B 99 17.93 -8.15 2.35
N VAL B 100 16.68 -8.10 1.90
CA VAL B 100 15.90 -6.87 2.00
C VAL B 100 14.46 -7.20 2.36
N ASP B 101 13.81 -6.32 3.11
CA ASP B 101 12.42 -6.55 3.51
C ASP B 101 11.51 -5.89 2.48
N VAL B 102 10.23 -5.78 2.79
CA VAL B 102 9.28 -5.17 1.86
C VAL B 102 8.37 -4.20 2.58
N GLU B 103 8.90 -3.55 3.63
CA GLU B 103 8.12 -2.62 4.45
C GLU B 103 8.42 -1.13 4.22
N PRO B 104 7.38 -0.29 4.27
CA PRO B 104 7.57 1.16 4.08
C PRO B 104 8.36 1.65 5.30
N THR B 105 9.17 2.68 5.13
CA THR B 105 9.97 3.23 6.23
C THR B 105 9.38 4.46 6.89
N GLY B 106 8.56 5.21 6.15
CA GLY B 106 8.01 6.43 6.68
C GLY B 106 9.09 7.51 6.61
N ASP B 107 10.22 7.18 5.98
CA ASP B 107 11.35 8.09 5.85
C ASP B 107 11.72 8.39 4.40
N ALA B 108 12.59 9.38 4.19
CA ALA B 108 13.03 9.77 2.85
C ALA B 108 13.71 8.61 2.13
N PHE B 109 13.68 8.66 0.81
CA PHE B 109 14.27 7.60 -0.03
C PHE B 109 15.75 7.37 0.24
N ASN B 110 16.48 8.41 0.65
CA ASN B 110 17.92 8.27 0.90
C ASN B 110 18.30 8.31 2.39
N SER B 111 17.33 8.04 3.26
CA SER B 111 17.54 8.05 4.70
C SER B 111 18.41 6.86 5.14
N ILE B 112 19.31 7.10 6.08
CA ILE B 112 20.21 6.07 6.58
C ILE B 112 19.85 5.59 7.99
N ILE B 113 19.05 6.40 8.67
CA ILE B 113 18.61 6.16 10.05
C ILE B 113 18.35 4.71 10.47
N ARG B 114 17.41 4.06 9.80
CA ARG B 114 17.04 2.68 10.15
C ARG B 114 18.13 1.63 9.95
N LEU B 115 19.17 1.95 9.18
CA LEU B 115 20.25 0.99 8.98
C LEU B 115 21.02 0.84 10.28
N GLU B 116 20.92 1.84 11.15
CA GLU B 116 21.59 1.78 12.44
C GLU B 116 20.59 1.44 13.55
N ILE B 117 19.46 2.14 13.58
CA ILE B 117 18.44 1.95 14.59
C ILE B 117 17.80 0.56 14.61
N ASN B 118 17.37 0.07 13.46
CA ASN B 118 16.72 -1.24 13.40
C ASN B 118 17.67 -2.41 13.18
N LYS B 119 18.19 -2.93 14.29
CA LYS B 119 19.12 -4.05 14.26
C LYS B 119 18.44 -5.30 13.71
N PRO B 120 19.19 -6.17 13.03
CA PRO B 120 20.63 -6.02 12.76
C PRO B 120 20.96 -5.01 11.65
N GLY B 121 19.93 -4.41 11.05
CA GLY B 121 20.17 -3.42 10.02
C GLY B 121 19.76 -3.76 8.59
N LYS B 122 18.83 -4.69 8.44
CA LYS B 122 18.37 -5.08 7.10
C LYS B 122 17.62 -3.91 6.46
N PRO B 123 17.87 -3.63 5.16
CA PRO B 123 17.16 -2.53 4.51
C PRO B 123 15.66 -2.86 4.49
N PHE B 124 14.83 -1.88 4.84
CA PHE B 124 13.37 -2.07 4.90
C PHE B 124 12.67 -2.52 3.61
N ASN B 125 13.09 -1.97 2.47
CA ASN B 125 12.49 -2.35 1.19
C ASN B 125 13.48 -2.06 0.06
N PRO B 126 13.25 -2.62 -1.13
CA PRO B 126 14.16 -2.39 -2.26
C PRO B 126 13.92 -1.12 -3.07
N MSE B 127 12.89 -0.35 -2.72
CA MSE B 127 12.58 0.88 -3.44
C MSE B 127 13.41 2.06 -2.91
O MSE B 127 13.80 2.95 -3.68
CB MSE B 127 11.09 1.21 -3.36
CG MSE B 127 10.20 0.15 -4.00
SE MSE B 127 10.57 -0.22 -5.89
CE MSE B 127 11.69 -1.80 -5.69
N ILE B 128 13.69 2.08 -1.60
CA ILE B 128 14.50 3.14 -1.02
C ILE B 128 15.95 2.88 -1.42
N ASN B 129 16.78 3.92 -1.42
CA ASN B 129 18.18 3.74 -1.82
C ASN B 129 18.91 2.57 -1.13
N ALA B 130 18.82 2.50 0.19
CA ALA B 130 19.50 1.44 0.93
C ALA B 130 19.16 0.06 0.37
N GLY B 131 17.86 -0.23 0.23
CA GLY B 131 17.45 -1.51 -0.30
C GLY B 131 17.92 -1.76 -1.73
N ALA B 132 17.88 -0.70 -2.56
CA ALA B 132 18.30 -0.84 -3.95
C ALA B 132 19.79 -1.14 -4.05
N LEU B 133 20.59 -0.62 -3.12
CA LEU B 133 22.01 -0.87 -3.12
C LEU B 133 22.25 -2.35 -2.81
N THR B 134 21.50 -2.89 -1.85
CA THR B 134 21.62 -4.30 -1.50
C THR B 134 21.23 -5.12 -2.73
N ILE B 135 20.16 -4.72 -3.42
CA ILE B 135 19.74 -5.43 -4.62
C ILE B 135 20.84 -5.43 -5.68
N ALA B 136 21.49 -4.28 -5.88
CA ALA B 136 22.56 -4.19 -6.87
C ALA B 136 23.68 -5.17 -6.52
N SER B 137 23.99 -5.27 -5.22
CA SER B 137 25.06 -6.16 -4.78
C SER B 137 24.75 -7.65 -4.95
N ILE B 138 23.48 -8.02 -5.06
CA ILE B 138 23.15 -9.43 -5.21
C ILE B 138 22.86 -9.87 -6.63
N LEU B 139 22.93 -8.94 -7.59
CA LEU B 139 22.73 -9.31 -8.98
C LEU B 139 23.86 -10.29 -9.30
N PRO B 140 23.60 -11.29 -10.16
CA PRO B 140 24.63 -12.27 -10.52
C PRO B 140 25.82 -11.66 -11.25
N GLY B 141 27.02 -12.08 -10.84
CA GLY B 141 28.24 -11.58 -11.45
C GLY B 141 29.31 -11.30 -10.42
N GLU B 142 30.56 -11.30 -10.85
CA GLU B 142 31.69 -11.07 -9.96
C GLU B 142 32.27 -9.68 -10.15
N SER B 143 31.63 -8.88 -10.99
CA SER B 143 32.11 -7.52 -11.24
C SER B 143 30.93 -6.64 -11.61
N ALA B 144 31.13 -5.32 -11.55
CA ALA B 144 30.07 -4.40 -11.90
C ALA B 144 29.63 -4.69 -13.33
N TYR B 145 30.59 -4.91 -14.22
CA TYR B 145 30.28 -5.19 -15.61
C TYR B 145 29.43 -6.45 -15.78
N GLU B 146 29.73 -7.50 -15.03
CA GLU B 146 28.96 -8.74 -15.12
C GLU B 146 27.53 -8.54 -14.61
N LYS B 147 27.40 -7.89 -13.45
CA LYS B 147 26.09 -7.65 -12.87
C LYS B 147 25.23 -6.81 -13.81
N LEU B 148 25.82 -5.77 -14.38
CA LEU B 148 25.11 -4.88 -15.29
C LEU B 148 24.72 -5.60 -16.58
N GLU B 149 25.63 -6.39 -17.11
CA GLU B 149 25.36 -7.14 -18.34
C GLU B 149 24.06 -7.91 -18.15
N PHE B 150 23.90 -8.52 -17.00
CA PHE B 150 22.70 -9.29 -16.70
C PHE B 150 21.48 -8.38 -16.62
N LEU B 151 21.65 -7.23 -15.97
CA LEU B 151 20.54 -6.29 -15.82
C LEU B 151 20.09 -5.81 -17.21
N TYR B 152 21.07 -5.51 -18.06
CA TYR B 152 20.77 -5.03 -19.40
C TYR B 152 20.10 -6.10 -20.26
N SER B 153 20.41 -7.36 -20.00
CA SER B 153 19.80 -8.44 -20.78
C SER B 153 18.33 -8.57 -20.38
N VAL B 154 18.03 -8.36 -19.11
CA VAL B 154 16.64 -8.43 -18.66
C VAL B 154 15.92 -7.21 -19.27
N MSE B 155 16.56 -6.06 -19.16
CA MSE B 155 16.01 -4.81 -19.70
C MSE B 155 15.65 -5.00 -21.18
O MSE B 155 14.59 -4.57 -21.63
CB MSE B 155 17.04 -3.69 -19.54
CG MSE B 155 16.51 -2.29 -19.79
SE MSE B 155 15.18 -1.74 -18.49
CE MSE B 155 13.62 -2.32 -19.43
N GLU B 156 16.54 -5.64 -21.92
CA GLU B 156 16.33 -5.88 -23.35
C GLU B 156 15.08 -6.70 -23.64
N THR B 157 14.83 -7.74 -22.85
CA THR B 157 13.66 -8.57 -23.07
C THR B 157 12.38 -7.76 -22.83
N LEU B 158 12.47 -6.74 -21.98
CA LEU B 158 11.31 -5.92 -21.69
C LEU B 158 11.01 -4.87 -22.75
N ILE B 159 11.98 -4.01 -23.05
CA ILE B 159 11.79 -2.96 -24.03
C ILE B 159 12.23 -3.33 -25.45
N GLY B 160 12.73 -4.54 -25.61
CA GLY B 160 13.16 -5.00 -26.92
C GLY B 160 14.46 -4.43 -27.47
N LYS B 161 15.22 -3.72 -26.65
CA LYS B 161 16.48 -3.16 -27.11
C LYS B 161 17.47 -3.02 -25.97
N ARG B 162 18.75 -2.96 -26.34
CA ARG B 162 19.83 -2.80 -25.38
C ARG B 162 19.72 -1.38 -24.83
N PRO B 163 19.81 -1.23 -23.50
CA PRO B 163 19.73 0.11 -22.92
C PRO B 163 20.93 1.01 -23.18
N ARG B 164 20.69 2.31 -23.31
CA ARG B 164 21.75 3.27 -23.51
C ARG B 164 21.99 3.95 -22.16
N ILE B 165 23.25 4.16 -21.83
CA ILE B 165 23.61 4.79 -20.57
C ILE B 165 23.99 6.26 -20.80
N HIS B 166 23.47 7.15 -19.97
CA HIS B 166 23.83 8.56 -20.12
C HIS B 166 25.16 8.70 -19.39
N GLU B 167 26.25 8.62 -20.14
CA GLU B 167 27.60 8.68 -19.56
C GLU B 167 27.87 9.96 -18.77
N GLU B 168 27.46 11.09 -19.31
CA GLU B 168 27.67 12.37 -18.64
C GLU B 168 27.00 12.35 -17.27
N VAL B 169 25.75 11.90 -17.22
CA VAL B 169 25.03 11.84 -15.96
C VAL B 169 25.73 10.87 -15.00
N PHE B 170 26.12 9.70 -15.50
CA PHE B 170 26.80 8.74 -14.64
C PHE B 170 28.07 9.33 -14.04
N ARG B 171 28.84 10.05 -14.85
CA ARG B 171 30.08 10.66 -14.36
C ARG B 171 29.76 11.64 -13.24
N SER B 172 28.70 12.42 -13.44
CA SER B 172 28.27 13.39 -12.45
C SER B 172 27.83 12.70 -11.16
N GLU B 173 26.96 11.70 -11.27
CA GLU B 173 26.49 10.97 -10.09
C GLU B 173 27.70 10.42 -9.32
N TRP B 174 28.59 9.76 -10.06
CA TRP B 174 29.78 9.14 -9.50
C TRP B 174 30.68 10.06 -8.69
N GLU B 175 30.72 11.34 -9.06
CA GLU B 175 31.56 12.30 -8.38
C GLU B 175 30.93 12.88 -7.10
N THR B 176 29.61 12.92 -7.08
CA THR B 176 28.90 13.52 -5.94
C THR B 176 27.96 12.59 -5.18
N ALA B 177 28.11 11.28 -5.36
CA ALA B 177 27.22 10.33 -4.67
C ALA B 177 27.63 10.06 -3.22
N HIS B 178 27.92 11.13 -2.48
CA HIS B 178 28.37 11.00 -1.09
C HIS B 178 27.37 10.26 -0.19
N ARG B 179 26.11 10.69 -0.22
CA ARG B 179 25.11 10.05 0.61
C ARG B 179 24.93 8.57 0.26
N ASN B 180 24.92 8.24 -1.03
CA ASN B 180 24.76 6.85 -1.41
C ASN B 180 25.95 5.99 -0.99
N ARG B 181 27.15 6.57 -1.00
CA ARG B 181 28.32 5.82 -0.55
C ARG B 181 28.20 5.60 0.95
N ALA B 182 27.63 6.58 1.63
CA ALA B 182 27.45 6.48 3.07
C ALA B 182 26.53 5.27 3.35
N LEU B 183 25.44 5.18 2.58
CA LEU B 183 24.51 4.06 2.73
C LEU B 183 25.20 2.73 2.42
N ALA B 184 25.95 2.70 1.33
CA ALA B 184 26.65 1.50 0.89
C ALA B 184 27.66 1.00 1.93
N TYR B 185 28.47 1.92 2.45
CA TYR B 185 29.45 1.51 3.45
C TYR B 185 28.77 1.04 4.74
N TYR B 186 27.64 1.64 5.09
CA TYR B 186 26.96 1.20 6.30
C TYR B 186 26.39 -0.21 6.07
N LEU B 187 25.87 -0.45 4.86
CA LEU B 187 25.33 -1.76 4.52
C LEU B 187 26.42 -2.82 4.54
N LYS B 188 27.62 -2.43 4.11
CA LYS B 188 28.76 -3.33 4.09
C LYS B 188 29.10 -3.64 5.55
N GLU B 189 29.07 -2.61 6.39
CA GLU B 189 29.37 -2.74 7.80
C GLU B 189 28.47 -3.79 8.48
N THR B 190 27.17 -3.72 8.19
CA THR B 190 26.21 -4.63 8.77
C THR B 190 26.02 -5.94 7.99
N ASN B 191 26.83 -6.12 6.95
CA ASN B 191 26.78 -7.32 6.13
C ASN B 191 25.53 -7.51 5.28
N PHE B 192 25.00 -6.41 4.74
CA PHE B 192 23.83 -6.49 3.89
C PHE B 192 24.16 -6.01 2.49
N LEU B 193 25.40 -6.27 2.09
CA LEU B 193 25.87 -5.91 0.76
C LEU B 193 26.70 -7.11 0.31
N GLU B 194 26.23 -7.83 -0.69
CA GLU B 194 26.91 -9.02 -1.20
C GLU B 194 28.00 -8.73 -2.23
N ALA B 195 28.62 -7.57 -2.14
CA ALA B 195 29.67 -7.19 -3.06
C ALA B 195 30.45 -6.02 -2.47
N GLU B 196 31.52 -5.61 -3.14
CA GLU B 196 32.33 -4.50 -2.66
C GLU B 196 31.55 -3.20 -2.88
N VAL B 197 31.80 -2.22 -2.01
CA VAL B 197 31.09 -0.94 -2.09
C VAL B 197 31.21 -0.21 -3.42
N GLU B 198 32.44 0.06 -3.87
CA GLU B 198 32.61 0.77 -5.12
C GLU B 198 32.02 -0.02 -6.27
N GLU B 199 32.09 -1.34 -6.21
CA GLU B 199 31.51 -2.16 -7.26
C GLU B 199 29.99 -1.95 -7.27
N THR B 200 29.39 -2.02 -6.08
CA THR B 200 27.95 -1.84 -5.94
C THR B 200 27.50 -0.45 -6.39
N LEU B 201 28.26 0.58 -6.00
CA LEU B 201 27.93 1.94 -6.41
C LEU B 201 27.91 2.07 -7.92
N GLU B 202 28.87 1.42 -8.58
CA GLU B 202 28.94 1.49 -10.04
C GLU B 202 27.68 0.92 -10.65
N VAL B 203 27.28 -0.27 -10.19
CA VAL B 203 26.08 -0.90 -10.69
C VAL B 203 24.87 0.00 -10.44
N TYR B 204 24.74 0.49 -9.21
CA TYR B 204 23.62 1.34 -8.82
C TYR B 204 23.52 2.62 -9.66
N LEU B 205 24.63 3.34 -9.79
CA LEU B 205 24.63 4.59 -10.55
C LEU B 205 24.46 4.36 -12.05
N LYS B 206 24.94 3.22 -12.56
CA LYS B 206 24.80 2.90 -13.98
C LYS B 206 23.35 2.58 -14.29
N GLN B 207 22.73 1.72 -13.49
CA GLN B 207 21.33 1.37 -13.71
C GLN B 207 20.47 2.63 -13.63
N CYS B 208 20.87 3.58 -12.78
CA CYS B 208 20.13 4.83 -12.62
C CYS B 208 20.32 5.72 -13.84
N ALA B 209 21.43 5.54 -14.55
CA ALA B 209 21.71 6.35 -15.74
C ALA B 209 21.16 5.75 -17.03
N MSE B 210 20.49 4.60 -16.96
CA MSE B 210 19.91 4.01 -18.16
C MSE B 210 18.86 4.98 -18.69
O MSE B 210 18.04 5.51 -17.93
CB MSE B 210 19.24 2.66 -17.87
CG MSE B 210 20.19 1.57 -17.41
SE MSE B 210 19.33 -0.17 -17.34
CE MSE B 210 18.21 0.08 -15.79
N GLU B 211 18.88 5.22 -20.00
CA GLU B 211 17.94 6.14 -20.63
C GLU B 211 16.62 5.52 -21.07
N SER B 212 15.60 6.37 -21.21
CA SER B 212 14.28 5.92 -21.66
C SER B 212 13.40 7.13 -21.91
N THR B 213 12.27 6.90 -22.57
CA THR B 213 11.31 7.96 -22.80
C THR B 213 10.07 7.42 -22.10
N THR B 214 8.98 8.18 -22.07
CA THR B 214 7.76 7.71 -21.42
C THR B 214 7.24 6.45 -22.08
N GLU B 215 7.60 6.24 -23.34
CA GLU B 215 7.15 5.06 -24.08
C GLU B 215 7.75 3.78 -23.52
N ASP B 216 9.05 3.80 -23.22
CA ASP B 216 9.75 2.64 -22.69
C ASP B 216 9.25 2.22 -21.32
N ILE B 217 9.03 3.19 -20.43
CA ILE B 217 8.55 2.84 -19.12
C ILE B 217 7.07 2.49 -19.12
N ALA B 218 6.34 2.96 -20.14
CA ALA B 218 4.93 2.62 -20.25
C ALA B 218 4.85 1.17 -20.68
N LEU B 219 5.78 0.74 -21.53
CA LEU B 219 5.81 -0.64 -21.99
C LEU B 219 6.16 -1.57 -20.83
N ILE B 220 7.10 -1.14 -19.98
CA ILE B 220 7.46 -1.95 -18.83
C ILE B 220 6.25 -2.01 -17.89
N GLY B 221 5.60 -0.87 -17.70
CA GLY B 221 4.43 -0.84 -16.85
C GLY B 221 3.33 -1.73 -17.38
N LEU B 222 3.18 -1.77 -18.71
CA LEU B 222 2.17 -2.61 -19.34
C LEU B 222 2.46 -4.09 -19.04
N ILE B 223 3.72 -4.48 -19.19
CA ILE B 223 4.13 -5.86 -18.92
C ILE B 223 3.81 -6.24 -17.49
N LEU B 224 4.11 -5.34 -16.56
CA LEU B 224 3.84 -5.60 -15.15
C LEU B 224 2.35 -5.69 -14.87
N ALA B 225 1.58 -4.82 -15.51
CA ALA B 225 0.13 -4.81 -15.35
C ALA B 225 -0.43 -6.20 -15.71
N HIS B 226 0.19 -6.84 -16.69
CA HIS B 226 -0.24 -8.15 -17.13
C HIS B 226 0.57 -9.29 -16.50
N ASP B 227 0.98 -9.08 -15.26
CA ASP B 227 1.73 -10.06 -14.50
C ASP B 227 2.98 -10.67 -15.15
N GLY B 228 3.72 -9.86 -15.89
CA GLY B 228 4.94 -10.36 -16.51
C GLY B 228 4.80 -10.87 -17.92
N TYR B 229 3.56 -10.86 -18.42
CA TYR B 229 3.30 -11.31 -19.78
C TYR B 229 3.48 -10.13 -20.72
N HIS B 230 4.29 -10.32 -21.76
CA HIS B 230 4.52 -9.27 -22.74
C HIS B 230 3.35 -9.41 -23.72
N PRO B 231 2.40 -8.46 -23.68
CA PRO B 231 1.21 -8.45 -24.55
C PRO B 231 1.45 -8.32 -26.04
N ILE B 232 2.51 -7.64 -26.43
CA ILE B 232 2.82 -7.45 -27.84
C ILE B 232 3.68 -8.57 -28.42
N ARG B 233 4.55 -9.14 -27.58
CA ARG B 233 5.42 -10.22 -28.03
C ARG B 233 4.80 -11.58 -27.72
N HIS B 234 3.76 -11.56 -26.90
CA HIS B 234 3.04 -12.76 -26.51
C HIS B 234 3.89 -13.84 -25.84
N GLU B 235 4.55 -13.48 -24.75
CA GLU B 235 5.38 -14.41 -24.00
C GLU B 235 5.61 -13.92 -22.58
N GLN B 236 5.76 -14.87 -21.66
CA GLN B 236 6.00 -14.54 -20.25
C GLN B 236 7.47 -14.16 -20.10
N VAL B 237 7.75 -12.87 -19.95
CA VAL B 237 9.13 -12.42 -19.82
C VAL B 237 9.58 -12.27 -18.37
N ILE B 238 8.62 -12.16 -17.46
CA ILE B 238 8.93 -12.03 -16.03
C ILE B 238 8.05 -13.02 -15.30
N PRO B 239 8.61 -13.81 -14.38
CA PRO B 239 7.76 -14.75 -13.65
C PRO B 239 6.60 -14.00 -13.02
N LYS B 240 5.40 -14.55 -13.13
CA LYS B 240 4.21 -13.94 -12.59
C LYS B 240 4.33 -13.51 -11.13
N ASP B 241 4.88 -14.37 -10.29
CA ASP B 241 5.01 -14.03 -8.88
C ASP B 241 5.99 -12.88 -8.66
N VAL B 242 6.99 -12.76 -9.51
CA VAL B 242 7.96 -11.67 -9.40
C VAL B 242 7.31 -10.35 -9.82
N ALA B 243 6.54 -10.39 -10.91
CA ALA B 243 5.85 -9.21 -11.41
C ALA B 243 4.84 -8.69 -10.39
N LYS B 244 4.11 -9.60 -9.73
CA LYS B 244 3.12 -9.20 -8.74
C LYS B 244 3.80 -8.59 -7.53
N LEU B 245 4.94 -9.17 -7.14
CA LEU B 245 5.68 -8.65 -6.01
C LEU B 245 6.17 -7.22 -6.27
N ALA B 246 6.63 -6.98 -7.50
CA ALA B 246 7.11 -5.65 -7.88
C ALA B 246 5.97 -4.63 -7.81
N LYS B 247 4.79 -5.03 -8.26
CA LYS B 247 3.62 -4.15 -8.24
C LYS B 247 3.21 -3.80 -6.82
N ALA B 248 3.32 -4.76 -5.91
CA ALA B 248 2.97 -4.54 -4.50
C ALA B 248 3.96 -3.52 -3.90
N LEU B 249 5.25 -3.71 -4.16
CA LEU B 249 6.27 -2.81 -3.65
C LEU B 249 6.12 -1.40 -4.24
N MSE B 250 5.68 -1.33 -5.49
CA MSE B 250 5.49 -0.04 -6.14
C MSE B 250 4.41 0.73 -5.39
O MSE B 250 4.58 1.90 -5.06
CB MSE B 250 5.10 -0.24 -7.61
CG MSE B 250 6.29 -0.59 -8.49
SE MSE B 250 5.82 -0.95 -10.35
CE MSE B 250 5.26 0.85 -10.89
N LEU B 251 3.30 0.05 -5.11
CA LEU B 251 2.17 0.65 -4.41
C LEU B 251 2.53 1.05 -2.97
N THR B 252 3.22 0.19 -2.24
CA THR B 252 3.57 0.51 -0.85
C THR B 252 4.80 1.38 -0.63
N CYS B 253 5.81 1.22 -1.49
CA CYS B 253 7.05 1.96 -1.32
C CYS B 253 7.53 2.75 -2.54
N GLY B 254 6.87 2.57 -3.67
CA GLY B 254 7.27 3.23 -4.90
C GLY B 254 7.42 4.75 -4.89
N MSE B 255 6.63 5.43 -4.05
CA MSE B 255 6.72 6.89 -3.99
C MSE B 255 7.25 7.33 -2.61
O MSE B 255 7.02 8.45 -2.16
CB MSE B 255 5.34 7.51 -4.25
CG MSE B 255 4.67 7.04 -5.54
SE MSE B 255 5.71 7.34 -7.18
CE MSE B 255 5.10 9.13 -7.59
N TYR B 256 7.97 6.41 -1.96
CA TYR B 256 8.58 6.67 -0.66
C TYR B 256 7.60 7.14 0.40
N ASN B 257 7.95 8.20 1.12
CA ASN B 257 7.05 8.69 2.16
C ASN B 257 5.85 9.50 1.66
N ALA B 258 5.52 9.32 0.39
CA ALA B 258 4.34 9.95 -0.20
C ALA B 258 3.50 8.81 -0.77
N SER B 259 3.94 7.56 -0.55
CA SER B 259 3.20 6.40 -1.06
C SER B 259 1.80 6.32 -0.47
N GLY B 260 1.65 6.67 0.80
CA GLY B 260 0.34 6.62 1.41
C GLY B 260 -0.61 7.57 0.69
N LYS B 261 -0.13 8.79 0.42
CA LYS B 261 -0.95 9.77 -0.27
C LYS B 261 -1.31 9.30 -1.68
N TYR B 262 -0.35 8.71 -2.39
CA TYR B 262 -0.62 8.22 -3.72
C TYR B 262 -1.66 7.10 -3.72
N ALA B 263 -1.53 6.19 -2.76
CA ALA B 263 -2.49 5.08 -2.66
C ALA B 263 -3.89 5.61 -2.39
N ALA B 264 -3.96 6.57 -1.48
CA ALA B 264 -5.24 7.16 -1.09
C ALA B 264 -5.91 8.07 -2.12
N PHE B 265 -5.12 8.82 -2.88
CA PHE B 265 -5.70 9.76 -3.84
C PHE B 265 -5.47 9.47 -5.33
N VAL B 266 -4.68 8.45 -5.63
CA VAL B 266 -4.42 8.06 -7.03
C VAL B 266 -4.85 6.59 -7.16
N GLY B 267 -4.23 5.71 -6.37
CA GLY B 267 -4.62 4.31 -6.36
C GLY B 267 -4.10 3.31 -7.37
N VAL B 268 -2.99 3.60 -8.01
CA VAL B 268 -2.39 2.68 -8.98
C VAL B 268 -0.92 2.53 -8.61
N PRO B 269 -0.36 1.32 -8.77
CA PRO B 269 1.06 1.12 -8.42
C PRO B 269 1.91 2.09 -9.25
N ALA B 270 2.80 2.82 -8.59
CA ALA B 270 3.65 3.79 -9.28
C ALA B 270 5.07 3.86 -8.73
N LYS B 271 6.01 4.21 -9.61
CA LYS B 271 7.40 4.34 -9.22
C LYS B 271 8.00 5.61 -9.82
N SER B 272 8.67 6.39 -8.98
CA SER B 272 9.28 7.64 -9.42
C SER B 272 10.80 7.55 -9.52
N GLY B 273 11.37 8.58 -10.16
CA GLY B 273 12.80 8.71 -10.30
C GLY B 273 13.06 10.19 -10.09
N VAL B 274 14.14 10.55 -9.40
CA VAL B 274 14.40 11.98 -9.14
C VAL B 274 14.62 12.81 -10.40
N SER B 275 14.77 12.16 -11.54
CA SER B 275 14.96 12.91 -12.79
C SER B 275 13.61 13.36 -13.33
N GLY B 276 12.52 12.97 -12.67
CA GLY B 276 11.21 13.39 -13.12
C GLY B 276 10.32 12.35 -13.75
N GLY B 277 10.78 11.11 -13.83
CA GLY B 277 9.95 10.08 -14.42
C GLY B 277 9.02 9.40 -13.44
N ILE B 278 7.89 8.93 -13.95
CA ILE B 278 6.96 8.18 -13.13
C ILE B 278 6.43 7.05 -14.00
N MSE B 279 6.64 5.82 -13.54
CA MSE B 279 6.12 4.65 -14.24
C MSE B 279 4.94 4.16 -13.41
O MSE B 279 5.08 3.90 -12.21
CB MSE B 279 7.17 3.55 -14.33
CG MSE B 279 6.59 2.22 -14.82
SE MSE B 279 7.90 0.83 -15.14
CE MSE B 279 8.27 0.34 -13.30
N ALA B 280 3.78 4.05 -14.04
CA ALA B 280 2.58 3.58 -13.33
C ALA B 280 1.92 2.51 -14.18
N LEU B 281 0.90 1.87 -13.64
CA LEU B 281 0.22 0.80 -14.36
C LEU B 281 -1.16 0.55 -13.80
N VAL B 282 -2.01 -0.02 -14.64
CA VAL B 282 -3.38 -0.35 -14.24
C VAL B 282 -3.68 -1.74 -14.73
N PRO B 283 -3.93 -2.69 -13.81
CA PRO B 283 -4.24 -4.06 -14.20
C PRO B 283 -5.63 -4.15 -14.81
N PRO B 284 -5.93 -5.23 -15.56
CA PRO B 284 -7.22 -5.43 -16.21
C PRO B 284 -8.43 -5.22 -15.30
N SER B 285 -9.52 -4.71 -15.88
CA SER B 285 -10.78 -4.43 -15.17
C SER B 285 -10.66 -3.33 -14.13
N ALA B 286 -9.52 -3.27 -13.45
CA ALA B 286 -9.28 -2.27 -12.42
C ALA B 286 -9.15 -0.87 -13.07
N ARG B 287 -9.79 -0.72 -14.22
CA ARG B 287 -9.76 0.53 -14.98
C ARG B 287 -11.07 1.30 -15.02
N ARG B 288 -12.20 0.59 -15.04
CA ARG B 288 -13.53 1.21 -15.10
C ARG B 288 -14.44 0.26 -15.89
N GLU B 289 -14.75 0.69 -17.11
CA GLU B 289 -15.58 -0.05 -18.06
C GLU B 289 -14.99 0.47 -19.36
N GLN B 290 -14.34 1.62 -19.21
CA GLN B 290 -13.65 2.36 -20.26
C GLN B 290 -13.22 3.68 -19.65
N PRO B 291 -12.03 4.17 -20.02
CA PRO B 291 -11.16 3.50 -20.99
C PRO B 291 -10.24 2.48 -20.32
N PHE B 292 -9.37 1.89 -21.14
CA PHE B 292 -8.39 0.92 -20.69
C PHE B 292 -8.91 -0.24 -19.84
N GLN B 293 -10.07 -0.79 -20.21
CA GLN B 293 -10.63 -1.91 -19.46
C GLN B 293 -9.64 -3.08 -19.36
N SER B 294 -8.82 -3.27 -20.38
CA SER B 294 -7.84 -4.36 -20.39
C SER B 294 -6.56 -4.01 -19.65
N GLY B 295 -6.50 -2.81 -19.09
CA GLY B 295 -5.32 -2.38 -18.37
C GLY B 295 -4.42 -1.55 -19.26
N CYS B 296 -3.31 -1.05 -18.70
CA CYS B 296 -2.38 -0.24 -19.47
C CYS B 296 -1.13 0.04 -18.67
N GLY B 297 -0.08 0.43 -19.39
CA GLY B 297 1.17 0.79 -18.76
C GLY B 297 1.19 2.29 -18.92
N ILE B 298 1.74 3.00 -17.94
CA ILE B 298 1.80 4.46 -18.00
C ILE B 298 3.21 4.99 -17.81
N GLY B 299 3.58 5.93 -18.67
CA GLY B 299 4.90 6.54 -18.61
C GLY B 299 4.71 8.05 -18.55
N ILE B 300 5.31 8.67 -17.54
CA ILE B 300 5.20 10.12 -17.33
C ILE B 300 6.57 10.74 -17.09
N TYR B 301 6.74 11.97 -17.55
CA TYR B 301 8.00 12.70 -17.39
C TYR B 301 7.73 14.15 -17.04
N GLY B 302 8.22 14.57 -15.88
CA GLY B 302 8.07 15.94 -15.41
C GLY B 302 9.26 16.26 -14.52
N PRO B 303 10.36 16.79 -15.09
CA PRO B 303 11.60 17.15 -14.38
C PRO B 303 11.49 17.84 -13.02
N ALA B 304 10.51 18.72 -12.86
CA ALA B 304 10.35 19.42 -11.57
C ALA B 304 9.82 18.46 -10.51
N ILE B 305 10.62 18.20 -9.48
CA ILE B 305 10.18 17.27 -8.44
C ILE B 305 9.86 17.94 -7.10
N ASP B 306 9.09 17.25 -6.27
CA ASP B 306 8.72 17.77 -4.97
C ASP B 306 9.71 17.36 -3.88
N GLU B 307 9.36 17.67 -2.64
CA GLU B 307 10.21 17.38 -1.49
C GLU B 307 10.48 15.89 -1.27
N TYR B 308 9.58 15.06 -1.78
CA TYR B 308 9.70 13.61 -1.62
C TYR B 308 10.56 12.96 -2.69
N GLY B 309 10.87 13.74 -3.72
CA GLY B 309 11.68 13.24 -4.83
C GLY B 309 10.79 12.81 -5.99
N ASN B 310 9.51 13.13 -5.89
CA ASN B 310 8.52 12.77 -6.91
C ASN B 310 8.12 13.92 -7.82
N SER B 311 7.97 13.63 -9.12
CA SER B 311 7.59 14.64 -10.10
C SER B 311 6.33 15.37 -9.66
N LEU B 312 6.44 16.69 -9.55
CA LEU B 312 5.31 17.52 -9.11
C LEU B 312 4.17 17.52 -10.12
N THR B 313 4.45 18.06 -11.32
CA THR B 313 3.40 18.12 -12.34
C THR B 313 3.05 16.73 -12.84
N GLY B 314 4.02 15.83 -12.84
CA GLY B 314 3.76 14.46 -13.27
C GLY B 314 2.80 13.80 -12.32
N GLY B 315 3.01 14.01 -11.03
CA GLY B 315 2.11 13.43 -10.05
C GLY B 315 0.72 14.01 -10.17
N MSE B 316 0.64 15.32 -10.44
CA MSE B 316 -0.67 15.94 -10.57
C MSE B 316 -1.38 15.35 -11.77
O MSE B 316 -2.59 15.10 -11.72
CB MSE B 316 -0.53 17.45 -10.73
CG MSE B 316 0.05 18.14 -9.50
SE MSE B 316 0.21 20.06 -9.72
CE MSE B 316 -1.59 20.56 -9.18
N LEU B 317 -0.64 15.12 -12.84
CA LEU B 317 -1.22 14.57 -14.05
C LEU B 317 -1.72 13.14 -13.81
N LEU B 318 -0.91 12.35 -13.10
CA LEU B 318 -1.29 10.97 -12.79
C LEU B 318 -2.57 10.96 -11.96
N LYS B 319 -2.63 11.84 -10.96
CA LYS B 319 -3.80 11.92 -10.08
C LYS B 319 -5.06 12.31 -10.85
N HIS B 320 -4.93 13.27 -11.76
CA HIS B 320 -6.08 13.71 -12.54
C HIS B 320 -6.63 12.56 -13.40
N MSE B 321 -5.72 11.83 -14.04
CA MSE B 321 -6.09 10.68 -14.87
C MSE B 321 -6.79 9.62 -14.04
O MSE B 321 -7.84 9.11 -14.42
CB MSE B 321 -4.86 10.03 -15.47
CG MSE B 321 -4.07 10.86 -16.45
SE MSE B 321 -2.41 9.95 -16.82
CE MSE B 321 -3.13 8.32 -17.60
N ALA B 322 -6.18 9.29 -12.91
CA ALA B 322 -6.69 8.26 -12.02
C ALA B 322 -8.09 8.59 -11.53
N GLN B 323 -8.29 9.82 -11.09
CA GLN B 323 -9.61 10.20 -10.57
C GLN B 323 -10.64 10.31 -11.68
N GLU B 324 -10.26 10.93 -12.79
CA GLU B 324 -11.17 11.14 -13.91
C GLU B 324 -11.60 9.83 -14.59
N TRP B 325 -10.67 8.90 -14.76
CA TRP B 325 -10.99 7.63 -15.39
C TRP B 325 -11.23 6.50 -14.40
N GLU B 326 -11.18 6.82 -13.11
CA GLU B 326 -11.40 5.84 -12.05
C GLU B 326 -10.47 4.65 -12.19
N LEU B 327 -9.17 4.91 -12.07
CA LEU B 327 -8.15 3.88 -12.20
C LEU B 327 -7.81 3.16 -10.91
N SER B 328 -8.14 3.77 -9.77
CA SER B 328 -7.82 3.20 -8.47
C SER B 328 -8.13 1.70 -8.40
N ILE B 329 -7.19 0.93 -7.86
CA ILE B 329 -7.37 -0.50 -7.74
C ILE B 329 -8.17 -0.86 -6.49
N PHE B 330 -8.38 0.10 -5.60
CA PHE B 330 -9.12 -0.18 -4.37
C PHE B 330 -10.62 -0.23 -4.62
C1 EDO C . 6.25 -14.70 3.09
O1 EDO C . 6.61 -16.09 3.26
C2 EDO C . 5.85 -14.13 4.41
O2 EDO C . 4.46 -13.70 4.51
C1 EDO D . 1.48 -12.16 6.20
O1 EDO D . 2.62 -11.98 5.34
C2 EDO D . 1.82 -13.11 7.30
O2 EDO D . 0.70 -13.90 7.81
C1 EDO E . -4.55 21.82 12.76
O1 EDO E . -4.83 22.36 11.44
C2 EDO E . -3.15 22.14 13.16
O2 EDO E . -2.77 21.75 14.52
C FMT F . 4.16 12.63 6.92
O1 FMT F . 4.96 12.17 6.07
O2 FMT F . 3.02 12.15 7.16
C1 EDO G . -0.26 14.38 -5.12
O1 EDO G . -0.03 14.48 -6.53
C2 EDO G . -0.60 12.97 -4.75
O2 EDO G . -1.37 12.82 -3.51
#